data_5N9X
#
_entry.id   5N9X
#
_cell.length_a   179.022
_cell.length_b   52.524
_cell.length_c   110.119
_cell.angle_alpha   90.00
_cell.angle_beta   105.95
_cell.angle_gamma   90.00
#
_symmetry.space_group_name_H-M   'C 1 2 1'
#
loop_
_entity.id
_entity.type
_entity.pdbx_description
1 polymer 'Adenylation domain'
2 non-polymer THREONINE
3 non-polymer "ADENOSINE-5'-TRIPHOSPHATE"
4 non-polymer 'MAGNESIUM ION'
5 non-polymer '[[(2~{R},3~{S},4~{R},5~{R})-5-(6-aminopurin-9-yl)-3,4-bis(oxidanyl)oxolan-2-yl]methoxy-oxidanyl-phosphoryl] (2~{S},3~{R})-2-azanyl-3-oxidanyl-butanoate'
6 water water
#
_entity_poly.entity_id   1
_entity_poly.type   'polypeptide(L)'
_entity_poly.pdbx_seq_one_letter_code
;MSEKKDQYPSPGYSEFGATLVDLFSRAAMEMPDRTALHIDDEKISYGLLHSWAEGLADLLHDAGVRKGDRVALRMPPGAN
AIAAMLGILRAGAAYVPLDIRNPPARNAFIVTDSQVVALVGDPGDIPEYTGPLVTEENVAALRDREAIKDPGPERPGPQD
VAYIIYTSGTTGRPKGVPVRHGNVTALFEACSRLFSFSADDRWLLFHSMAFDFSVWEIWGALSTGAELVVLPYWTARTPV
ETARVVRDRGITVLNQTPTAFGALTTAVLGEGIDLPELRYVVFGGEKLTPAVVRPWAKRFGLDRPHLINMYGITETTVHA
TFHRLTEDDLAAEDSVIGRPLPGFTHRIVTEDGRDAATGEPGELWLAGPQVSEGYLNRPELTAERFTTGPARDGGAPPPR
YYHSGDLVSRRAGGDLVYQGRADLQVKLRGHRIELSDVEAAVRTHPAVVDAVVWVHEFAPGDSRLVCAYTAQASEEGTGP
DARALRAHVKTVLPSYMQPSQYLALPELPRTINGKADRASVARAFDERR
;
_entity_poly.pdbx_strand_id   A,B
#
loop_
_chem_comp.id
_chem_comp.type
_chem_comp.name
_chem_comp.formula
8QN non-polymer '[[(2~{R},3~{S},4~{R},5~{R})-5-(6-aminopurin-9-yl)-3,4-bis(oxidanyl)oxolan-2-yl]methoxy-oxidanyl-phosphoryl] (2~{S},3~{R})-2-azanyl-3-oxidanyl-butanoate' 'C14 H21 N6 O9 P'
ATP non-polymer ADENOSINE-5'-TRIPHOSPHATE 'C10 H16 N5 O13 P3'
MG non-polymer 'MAGNESIUM ION' 'Mg 2'
#
# COMPACT_ATOMS: atom_id res chain seq x y z
N GLY A 17 -27.93 9.48 16.97
CA GLY A 17 -27.90 8.04 16.79
C GLY A 17 -26.52 7.40 16.73
N ALA A 18 -26.49 6.16 16.31
CA ALA A 18 -25.26 5.37 16.31
C ALA A 18 -24.28 5.79 15.20
N THR A 19 -24.79 6.20 14.05
CA THR A 19 -23.92 6.44 12.91
C THR A 19 -24.07 7.86 12.32
N LEU A 20 -23.20 8.21 11.39
CA LEU A 20 -23.28 9.49 10.69
C LEU A 20 -24.50 9.52 9.74
N VAL A 21 -24.80 8.37 9.15
CA VAL A 21 -25.97 8.20 8.32
C VAL A 21 -27.24 8.55 9.14
N ASP A 22 -27.32 8.02 10.36
CA ASP A 22 -28.42 8.32 11.27
C ASP A 22 -28.51 9.83 11.51
N LEU A 23 -27.38 10.44 11.84
CA LEU A 23 -27.35 11.88 12.12
C LEU A 23 -27.88 12.71 10.97
N PHE A 24 -27.40 12.43 9.76
CA PHE A 24 -27.91 13.13 8.60
C PHE A 24 -29.41 12.84 8.36
N SER A 25 -29.82 11.60 8.61
CA SER A 25 -31.21 11.18 8.39
C SER A 25 -32.16 11.95 9.28
N ARG A 26 -31.82 12.02 10.55
CA ARG A 26 -32.61 12.77 11.51
C ARG A 26 -32.76 14.23 11.06
N ALA A 27 -31.64 14.93 10.95
CA ALA A 27 -31.67 16.33 10.52
C ALA A 27 -32.42 16.54 9.21
N ALA A 28 -32.22 15.64 8.25
CA ALA A 28 -32.86 15.80 6.94
C ALA A 28 -34.34 15.47 7.01
N MET A 29 -34.71 14.41 7.72
CA MET A 29 -36.12 14.08 7.94
C MET A 29 -36.81 15.22 8.68
N GLU A 30 -36.13 15.83 9.62
CA GLU A 30 -36.81 16.77 10.49
C GLU A 30 -36.74 18.20 10.00
N MET A 31 -35.73 18.53 9.22
CA MET A 31 -35.61 19.90 8.75
C MET A 31 -35.39 20.00 7.24
N PRO A 32 -36.22 19.31 6.44
CA PRO A 32 -35.95 19.12 5.01
C PRO A 32 -35.91 20.40 4.18
N ASP A 33 -36.54 21.44 4.68
CA ASP A 33 -36.62 22.72 3.99
C ASP A 33 -35.37 23.59 4.21
N ARG A 34 -34.65 23.35 5.30
CA ARG A 34 -33.42 24.10 5.58
C ARG A 34 -32.32 23.86 4.55
N THR A 35 -31.41 24.82 4.43
CA THR A 35 -30.30 24.73 3.48
C THR A 35 -29.16 23.90 4.06
N ALA A 36 -28.83 22.79 3.42
CA ALA A 36 -27.71 21.98 3.87
C ALA A 36 -26.39 22.52 3.30
N LEU A 37 -26.39 22.82 2.00
CA LEU A 37 -25.17 23.29 1.34
C LEU A 37 -25.41 24.64 0.70
N HIS A 38 -24.41 25.52 0.85
CA HIS A 38 -24.42 26.85 0.24
C HIS A 38 -23.12 27.05 -0.52
N ILE A 39 -23.19 27.01 -1.85
CA ILE A 39 -22.01 27.14 -2.68
C ILE A 39 -22.18 28.34 -3.60
N ASP A 40 -21.51 29.43 -3.22
CA ASP A 40 -21.76 30.76 -3.77
C ASP A 40 -23.25 31.10 -3.60
N ASP A 41 -23.98 31.23 -4.72
CA ASP A 41 -25.43 31.50 -4.66
C ASP A 41 -26.27 30.24 -4.70
N GLU A 42 -25.61 29.10 -4.84
CA GLU A 42 -26.34 27.85 -4.92
C GLU A 42 -26.68 27.34 -3.54
N LYS A 43 -27.94 26.93 -3.37
CA LYS A 43 -28.40 26.37 -2.11
C LYS A 43 -29.07 25.04 -2.34
N ILE A 44 -28.60 24.03 -1.62
CA ILE A 44 -29.28 22.76 -1.62
C ILE A 44 -29.90 22.52 -0.25
N SER A 45 -31.19 22.18 -0.29
CA SER A 45 -31.95 21.79 0.88
C SER A 45 -31.55 20.42 1.40
N TYR A 46 -31.66 20.25 2.71
CA TYR A 46 -31.48 18.96 3.35
C TYR A 46 -32.28 17.86 2.64
N GLY A 47 -33.58 18.09 2.49
CA GLY A 47 -34.45 17.18 1.73
C GLY A 47 -33.91 16.72 0.38
N LEU A 48 -33.38 17.63 -0.42
CA LEU A 48 -32.88 17.27 -1.75
C LEU A 48 -31.51 16.58 -1.70
N LEU A 49 -30.63 17.07 -0.82
CA LEU A 49 -29.37 16.37 -0.54
C LEU A 49 -29.64 14.92 -0.10
N HIS A 50 -30.61 14.73 0.80
CA HIS A 50 -30.97 13.39 1.24
C HIS A 50 -31.44 12.51 0.09
N SER A 51 -32.28 13.05 -0.78
CA SER A 51 -32.71 12.33 -1.97
C SER A 51 -31.56 11.90 -2.88
N TRP A 52 -30.68 12.84 -3.17
CA TRP A 52 -29.55 12.65 -4.05
C TRP A 52 -28.67 11.52 -3.48
N ALA A 53 -28.41 11.61 -2.18
CA ALA A 53 -27.54 10.66 -1.49
C ALA A 53 -28.10 9.24 -1.46
N GLU A 54 -29.38 9.09 -1.13
CA GLU A 54 -30.03 7.78 -1.25
C GLU A 54 -29.88 7.18 -2.65
N GLY A 55 -30.13 8.01 -3.67
CA GLY A 55 -29.92 7.58 -5.04
C GLY A 55 -28.47 7.15 -5.32
N LEU A 56 -27.50 7.91 -4.82
CA LEU A 56 -26.11 7.59 -5.09
C LEU A 56 -25.74 6.27 -4.46
N ALA A 57 -26.34 6.00 -3.31
CA ALA A 57 -26.04 4.78 -2.59
C ALA A 57 -26.56 3.59 -3.39
N ASP A 58 -27.80 3.70 -3.84
CA ASP A 58 -28.37 2.67 -4.71
C ASP A 58 -27.46 2.47 -5.93
N LEU A 59 -27.06 3.55 -6.60
CA LEU A 59 -26.09 3.44 -7.68
C LEU A 59 -24.80 2.73 -7.23
N LEU A 60 -24.27 3.08 -6.08
CA LEU A 60 -23.04 2.43 -5.62
C LEU A 60 -23.28 0.94 -5.39
N HIS A 61 -24.41 0.63 -4.77
CA HIS A 61 -24.76 -0.78 -4.56
C HIS A 61 -24.77 -1.56 -5.88
N ASP A 62 -25.47 -1.04 -6.89
CA ASP A 62 -25.53 -1.66 -8.23
C ASP A 62 -24.14 -1.93 -8.81
N ALA A 63 -23.23 -0.99 -8.66
CA ALA A 63 -21.87 -1.15 -9.17
C ALA A 63 -21.05 -2.13 -8.34
N GLY A 64 -21.69 -2.79 -7.38
CA GLY A 64 -21.00 -3.71 -6.51
C GLY A 64 -20.13 -3.05 -5.45
N VAL A 65 -20.74 -2.15 -4.69
CA VAL A 65 -20.11 -1.69 -3.46
C VAL A 65 -20.89 -2.30 -2.31
N ARG A 66 -20.19 -2.84 -1.31
CA ARG A 66 -20.83 -3.49 -0.17
C ARG A 66 -20.47 -2.84 1.16
N LYS A 67 -21.26 -3.09 2.19
CA LYS A 67 -20.90 -2.63 3.54
C LYS A 67 -19.46 -3.04 3.87
N GLY A 68 -18.71 -2.18 4.53
CA GLY A 68 -17.34 -2.51 4.89
C GLY A 68 -16.36 -2.31 3.75
N ASP A 69 -16.86 -1.96 2.57
CA ASP A 69 -15.99 -1.61 1.45
C ASP A 69 -15.44 -0.19 1.55
N ARG A 70 -14.41 0.07 0.77
CA ARG A 70 -13.69 1.32 0.86
C ARG A 70 -13.71 1.98 -0.52
N VAL A 71 -14.21 3.21 -0.59
CA VAL A 71 -14.33 3.87 -1.88
C VAL A 71 -13.59 5.20 -1.90
N ALA A 72 -12.71 5.35 -2.89
CA ALA A 72 -11.95 6.58 -3.03
C ALA A 72 -12.87 7.71 -3.49
N LEU A 73 -12.58 8.91 -2.99
CA LEU A 73 -13.31 10.08 -3.43
C LEU A 73 -12.31 11.12 -3.88
N ARG A 74 -12.41 11.52 -5.14
CA ARG A 74 -11.48 12.50 -5.70
C ARG A 74 -12.22 13.60 -6.48
N MET A 75 -12.54 14.70 -5.79
CA MET A 75 -13.37 15.77 -6.32
C MET A 75 -13.07 17.12 -5.67
N PRO A 76 -13.19 18.20 -6.44
CA PRO A 76 -13.13 19.54 -5.84
C PRO A 76 -14.25 19.69 -4.82
N PRO A 77 -14.06 20.52 -3.76
CA PRO A 77 -15.15 20.73 -2.80
C PRO A 77 -16.36 21.37 -3.46
N GLY A 78 -17.53 20.85 -3.12
CA GLY A 78 -18.77 21.33 -3.72
C GLY A 78 -19.90 20.34 -3.49
N ALA A 79 -21.07 20.67 -4.04
CA ALA A 79 -22.26 19.83 -3.98
C ALA A 79 -21.97 18.35 -4.28
N ASN A 80 -21.33 18.07 -5.42
CA ASN A 80 -21.12 16.69 -5.84
C ASN A 80 -20.22 15.91 -4.89
N ALA A 81 -19.17 16.55 -4.41
CA ALA A 81 -18.24 15.88 -3.50
C ALA A 81 -18.95 15.48 -2.19
N ILE A 82 -19.79 16.37 -1.68
CA ILE A 82 -20.50 16.13 -0.44
C ILE A 82 -21.56 15.05 -0.62
N ALA A 83 -22.32 15.16 -1.69
CA ALA A 83 -23.39 14.20 -1.95
C ALA A 83 -22.78 12.80 -2.20
N ALA A 84 -21.68 12.76 -2.93
CA ALA A 84 -20.96 11.51 -3.12
C ALA A 84 -20.52 10.94 -1.77
N MET A 85 -20.07 11.79 -0.87
CA MET A 85 -19.53 11.23 0.36
C MET A 85 -20.68 10.67 1.21
N LEU A 86 -21.84 11.34 1.18
CA LEU A 86 -23.00 10.80 1.88
C LEU A 86 -23.45 9.51 1.25
N GLY A 87 -23.47 9.46 -0.08
CA GLY A 87 -23.84 8.25 -0.78
C GLY A 87 -22.95 7.08 -0.40
N ILE A 88 -21.64 7.33 -0.38
CA ILE A 88 -20.69 6.33 0.06
C ILE A 88 -20.99 5.84 1.48
N LEU A 89 -21.31 6.74 2.39
CA LEU A 89 -21.60 6.36 3.77
C LEU A 89 -22.93 5.61 3.88
N ARG A 90 -23.97 6.14 3.20
CA ARG A 90 -25.26 5.47 3.13
C ARG A 90 -25.12 4.05 2.57
N ALA A 91 -24.23 3.84 1.60
CA ALA A 91 -23.99 2.49 1.07
C ALA A 91 -23.23 1.56 2.03
N GLY A 92 -22.96 2.04 3.25
CA GLY A 92 -22.27 1.23 4.24
C GLY A 92 -20.76 1.17 4.09
N ALA A 93 -20.22 1.99 3.18
CA ALA A 93 -18.81 1.95 2.82
C ALA A 93 -18.06 3.08 3.48
N ALA A 94 -16.73 3.01 3.46
CA ALA A 94 -15.92 4.10 3.94
C ALA A 94 -15.41 4.90 2.76
N TYR A 95 -15.33 6.22 2.90
CA TYR A 95 -14.68 7.01 1.86
C TYR A 95 -13.22 7.31 2.21
N VAL A 96 -12.39 7.27 1.18
CA VAL A 96 -10.96 7.48 1.28
C VAL A 96 -10.61 8.69 0.44
N PRO A 97 -10.59 9.87 1.07
CA PRO A 97 -10.48 11.11 0.28
C PRO A 97 -9.10 11.31 -0.28
N LEU A 98 -9.03 11.82 -1.51
CA LEU A 98 -7.77 12.12 -2.17
C LEU A 98 -7.84 13.58 -2.51
N ASP A 99 -6.96 14.38 -1.93
CA ASP A 99 -7.00 15.78 -2.26
C ASP A 99 -6.35 15.96 -3.64
N ILE A 100 -6.96 16.76 -4.50
CA ILE A 100 -6.47 16.83 -5.88
C ILE A 100 -5.11 17.58 -6.05
N ARG A 101 -4.68 18.40 -5.07
CA ARG A 101 -3.31 18.92 -5.14
C ARG A 101 -2.31 17.88 -4.63
N ASN A 102 -2.80 16.73 -4.19
CA ASN A 102 -1.90 15.63 -3.88
C ASN A 102 -1.21 15.16 -5.17
N PRO A 103 0.12 15.03 -5.14
CA PRO A 103 0.89 14.51 -6.27
C PRO A 103 0.44 13.11 -6.66
N PRO A 104 0.30 12.87 -7.97
CA PRO A 104 -0.14 11.59 -8.55
C PRO A 104 0.45 10.35 -7.89
N ALA A 105 1.72 10.39 -7.48
CA ALA A 105 2.35 9.24 -6.81
C ALA A 105 1.73 8.97 -5.43
N ARG A 106 1.29 10.03 -4.75
CA ARG A 106 0.66 9.90 -3.45
C ARG A 106 -0.73 9.25 -3.57
N ASN A 107 -1.53 9.68 -4.53
CA ASN A 107 -2.81 9.02 -4.77
C ASN A 107 -2.59 7.56 -5.12
N ALA A 108 -1.68 7.32 -6.06
CA ALA A 108 -1.37 5.96 -6.50
C ALA A 108 -1.05 5.06 -5.33
N PHE A 109 -0.34 5.59 -4.33
CA PHE A 109 0.02 4.79 -3.17
C PHE A 109 -1.16 4.51 -2.27
N ILE A 110 -1.94 5.54 -2.00
CA ILE A 110 -3.12 5.43 -1.16
C ILE A 110 -4.17 4.54 -1.80
N VAL A 111 -4.40 4.72 -3.10
CA VAL A 111 -5.34 3.87 -3.83
C VAL A 111 -5.01 2.40 -3.60
N THR A 112 -3.73 2.05 -3.74
CA THR A 112 -3.27 0.67 -3.53
C THR A 112 -3.23 0.27 -2.04
N ASP A 113 -2.72 1.16 -1.17
CA ASP A 113 -2.65 0.82 0.26
C ASP A 113 -4.04 0.60 0.86
N SER A 114 -5.00 1.42 0.47
CA SER A 114 -6.32 1.30 1.07
C SER A 114 -7.17 0.25 0.37
N GLN A 115 -6.72 -0.20 -0.79
CA GLN A 115 -7.44 -1.23 -1.56
C GLN A 115 -8.90 -0.83 -1.76
N VAL A 116 -9.13 0.28 -2.45
CA VAL A 116 -10.51 0.67 -2.68
C VAL A 116 -11.14 -0.15 -3.82
N VAL A 117 -12.40 -0.53 -3.63
CA VAL A 117 -13.16 -1.29 -4.63
C VAL A 117 -13.64 -0.42 -5.79
N ALA A 118 -13.53 0.90 -5.63
CA ALA A 118 -14.02 1.85 -6.63
C ALA A 118 -13.48 3.25 -6.35
N LEU A 119 -13.66 4.15 -7.31
CA LEU A 119 -13.34 5.56 -7.08
C LEU A 119 -14.51 6.47 -7.53
N VAL A 120 -14.80 7.51 -6.75
CA VAL A 120 -15.84 8.46 -7.15
C VAL A 120 -15.22 9.81 -7.44
N GLY A 121 -15.55 10.38 -8.60
CA GLY A 121 -14.94 11.60 -9.10
C GLY A 121 -14.12 11.23 -10.33
N ASP A 122 -13.39 12.16 -10.94
CA ASP A 122 -12.45 11.74 -11.99
C ASP A 122 -11.04 11.65 -11.46
N PRO A 123 -10.26 10.70 -11.97
CA PRO A 123 -8.84 10.55 -11.70
C PRO A 123 -7.99 11.56 -12.45
N ILE A 126 -3.09 8.64 -12.27
CA ILE A 126 -3.15 7.44 -11.47
C ILE A 126 -2.71 6.36 -12.44
N PRO A 127 -1.88 5.40 -11.99
CA PRO A 127 -1.32 4.39 -12.88
C PRO A 127 -2.29 3.34 -13.40
N GLU A 128 -3.22 2.92 -12.55
CA GLU A 128 -4.22 1.94 -12.94
C GLU A 128 -5.63 2.45 -12.60
N TYR A 129 -6.46 2.42 -13.64
CA TYR A 129 -7.85 2.85 -13.62
C TYR A 129 -8.76 1.64 -13.60
N THR A 130 -8.15 0.46 -13.42
CA THR A 130 -8.83 -0.79 -13.69
C THR A 130 -9.94 -1.13 -12.70
N GLY A 131 -10.08 -0.31 -11.65
CA GLY A 131 -11.25 -0.37 -10.77
C GLY A 131 -12.35 0.49 -11.36
N PRO A 132 -13.60 0.26 -10.94
CA PRO A 132 -14.72 1.00 -11.56
C PRO A 132 -14.80 2.47 -11.18
N LEU A 133 -15.27 3.30 -12.10
CA LEU A 133 -15.46 4.72 -11.83
C LEU A 133 -16.90 5.16 -11.73
N VAL A 134 -17.16 6.04 -10.78
CA VAL A 134 -18.34 6.89 -10.81
C VAL A 134 -17.79 8.28 -11.09
N THR A 135 -18.21 8.89 -12.19
CA THR A 135 -17.66 10.18 -12.58
C THR A 135 -18.41 11.30 -11.88
N GLU A 136 -17.90 12.52 -11.98
CA GLU A 136 -18.59 13.63 -11.37
C GLU A 136 -19.92 13.84 -12.08
N GLU A 137 -19.91 13.69 -13.41
CA GLU A 137 -21.11 13.86 -14.21
C GLU A 137 -22.10 12.78 -13.80
N ASN A 138 -21.59 11.57 -13.58
CA ASN A 138 -22.43 10.50 -13.07
C ASN A 138 -23.12 10.91 -11.77
N VAL A 139 -22.38 11.50 -10.82
CA VAL A 139 -22.93 11.92 -9.53
C VAL A 139 -23.95 13.05 -9.67
N ALA A 140 -23.62 14.05 -10.50
CA ALA A 140 -24.53 15.17 -10.80
C ALA A 140 -25.89 14.72 -11.37
N ALA A 141 -25.88 13.58 -12.04
CA ALA A 141 -27.05 13.11 -12.77
C ALA A 141 -28.16 12.65 -11.85
N LEU A 142 -27.80 12.21 -10.64
CA LEU A 142 -28.79 11.68 -9.71
C LEU A 142 -29.36 12.79 -8.81
N ARG A 143 -28.83 14.00 -8.97
CA ARG A 143 -29.22 15.16 -8.17
C ARG A 143 -30.69 15.52 -8.32
N PRO A 151 -35.79 2.24 0.82
CA PRO A 151 -35.42 1.23 1.81
C PRO A 151 -33.91 1.05 1.78
N GLY A 152 -33.42 0.89 0.55
CA GLY A 152 -32.01 1.03 0.20
C GLY A 152 -31.11 -0.12 0.55
N PRO A 153 -29.81 0.05 0.25
CA PRO A 153 -28.74 -0.85 0.67
C PRO A 153 -28.75 -0.96 2.19
N GLU A 154 -28.16 -2.02 2.72
CA GLU A 154 -28.06 -2.19 4.16
C GLU A 154 -27.32 -0.99 4.79
N ARG A 155 -27.77 -0.54 5.96
CA ARG A 155 -27.17 0.62 6.62
C ARG A 155 -25.95 0.25 7.46
N PRO A 156 -25.00 1.19 7.61
CA PRO A 156 -23.78 0.87 8.38
C PRO A 156 -24.05 0.89 9.89
N GLY A 157 -23.20 0.23 10.68
CA GLY A 157 -23.31 0.30 12.13
C GLY A 157 -22.26 1.20 12.75
N PRO A 158 -22.34 1.43 14.07
CA PRO A 158 -21.33 2.23 14.76
C PRO A 158 -19.91 1.69 14.58
N GLN A 159 -19.78 0.38 14.44
CA GLN A 159 -18.46 -0.20 14.32
C GLN A 159 -17.97 -0.31 12.88
N ASP A 160 -18.75 0.16 11.92
CA ASP A 160 -18.24 0.30 10.55
C ASP A 160 -17.43 1.58 10.33
N VAL A 161 -16.39 1.46 9.51
CA VAL A 161 -15.49 2.56 9.21
C VAL A 161 -16.20 3.60 8.35
N ALA A 162 -16.12 4.86 8.79
CA ALA A 162 -16.73 5.94 8.06
C ALA A 162 -15.73 6.54 7.08
N TYR A 163 -14.49 6.68 7.53
CA TYR A 163 -13.47 7.25 6.66
C TYR A 163 -12.07 6.78 7.00
N ILE A 164 -11.21 6.95 6.01
CA ILE A 164 -9.83 6.62 6.13
C ILE A 164 -9.02 7.77 5.59
N ILE A 165 -8.44 8.48 6.53
CA ILE A 165 -7.68 9.67 6.25
C ILE A 165 -6.21 9.35 6.48
N TYR A 166 -5.36 9.82 5.58
CA TYR A 166 -3.94 9.52 5.64
C TYR A 166 -3.16 10.63 6.31
N THR A 167 -2.39 10.25 7.30
CA THR A 167 -1.53 11.20 8.00
C THR A 167 -0.10 11.09 7.47
N SER A 168 0.71 12.08 7.81
CA SER A 168 2.09 12.11 7.36
CA SER A 168 2.10 12.09 7.34
C SER A 168 2.96 11.12 8.12
N GLY A 169 3.56 10.22 7.35
N GLY A 169 3.73 10.29 7.43
CA GLY A 169 4.60 9.37 7.88
CA GLY A 169 4.81 9.62 8.08
C GLY A 169 5.95 10.00 7.63
C GLY A 169 6.17 10.28 8.06
N THR A 170 6.63 10.32 8.71
N THR A 170 6.54 10.85 9.21
CA THR A 170 7.76 11.24 8.64
CA THR A 170 7.94 11.06 9.62
C THR A 170 8.95 10.81 7.73
C THR A 170 8.40 9.83 10.44
N THR A 171 9.41 9.56 7.82
N THR A 171 7.59 8.81 10.30
CA THR A 171 10.30 9.05 6.78
CA THR A 171 7.91 7.46 10.70
C THR A 171 9.45 8.20 5.91
C THR A 171 8.42 6.68 9.48
N GLY A 172 8.87 7.22 6.57
N GLY A 172 8.58 7.41 8.35
CA GLY A 172 8.26 6.07 5.98
CA GLY A 172 9.01 6.83 7.08
C GLY A 172 6.96 6.61 5.51
C GLY A 172 8.05 7.24 5.99
N ARG A 173 6.15 5.73 4.96
N ARG A 173 6.89 6.60 5.97
CA ARG A 173 5.05 6.06 4.07
CA ARG A 173 5.90 6.54 4.87
C ARG A 173 3.98 6.84 4.74
C ARG A 173 4.42 6.83 5.25
N PRO A 174 3.09 7.42 3.84
N PRO A 174 3.58 7.31 4.22
CA PRO A 174 1.93 7.99 4.51
CA PRO A 174 2.29 7.82 4.70
C PRO A 174 1.15 6.86 5.15
C PRO A 174 1.28 6.82 5.21
N LYS A 175 0.67 7.11 6.36
CA LYS A 175 -0.13 6.10 7.03
C LYS A 175 -1.62 6.38 7.16
N GLY A 176 -2.42 5.34 6.90
CA GLY A 176 -3.86 5.45 6.97
C GLY A 176 -4.47 5.17 8.33
N VAL A 177 -5.33 6.10 8.76
CA VAL A 177 -6.11 5.98 9.98
C VAL A 177 -7.58 5.80 9.63
N PRO A 178 -8.14 4.61 9.92
CA PRO A 178 -9.58 4.40 9.69
C PRO A 178 -10.40 4.80 10.90
N VAL A 179 -11.35 5.70 10.69
CA VAL A 179 -12.19 6.21 11.78
C VAL A 179 -13.62 5.71 11.61
N ARG A 180 -14.13 5.05 12.65
CA ARG A 180 -15.50 4.49 12.63
C ARG A 180 -16.64 5.48 12.92
N HIS A 181 -17.83 5.15 12.44
CA HIS A 181 -19.04 5.93 12.67
C HIS A 181 -19.21 6.26 14.16
N GLY A 182 -19.13 5.25 15.01
CA GLY A 182 -19.15 5.44 16.46
C GLY A 182 -18.04 6.30 17.01
N ASN A 183 -16.87 6.29 16.37
CA ASN A 183 -15.86 7.26 16.77
C ASN A 183 -16.37 8.69 16.53
N VAL A 184 -16.79 8.99 15.29
CA VAL A 184 -17.30 10.33 15.03
C VAL A 184 -18.54 10.72 15.84
N THR A 185 -19.51 9.82 15.97
CA THR A 185 -20.69 10.15 16.75
C THR A 185 -20.30 10.37 18.22
N ALA A 186 -19.32 9.63 18.74
CA ALA A 186 -18.81 9.94 20.09
C ALA A 186 -18.20 11.35 20.17
N LEU A 187 -17.56 11.81 19.11
CA LEU A 187 -17.02 13.17 19.08
C LEU A 187 -18.10 14.24 19.38
N PHE A 188 -19.18 14.21 18.59
CA PHE A 188 -20.25 15.20 18.73
C PHE A 188 -21.02 15.03 20.02
N GLU A 189 -21.18 13.82 20.52
CA GLU A 189 -21.73 13.69 21.87
C GLU A 189 -20.80 14.34 22.93
N ALA A 190 -19.49 14.10 22.85
CA ALA A 190 -18.57 14.69 23.82
C ALA A 190 -18.65 16.23 23.85
N CYS A 191 -19.00 16.81 22.70
CA CYS A 191 -18.97 18.26 22.51
C CYS A 191 -20.33 18.94 22.73
N SER A 192 -21.36 18.11 22.88
CA SER A 192 -22.76 18.54 22.99
C SER A 192 -23.01 19.61 24.06
N ARG A 193 -22.28 19.52 25.18
CA ARG A 193 -22.45 20.46 26.28
C ARG A 193 -21.40 21.58 26.35
N LEU A 194 -20.24 21.40 25.73
CA LEU A 194 -19.23 22.46 25.77
C LEU A 194 -19.47 23.55 24.71
N PHE A 195 -20.11 23.17 23.62
CA PHE A 195 -20.43 24.10 22.56
C PHE A 195 -21.94 24.31 22.63
N SER A 196 -22.43 25.44 22.13
CA SER A 196 -23.87 25.62 21.93
C SER A 196 -24.24 25.74 20.44
N PHE A 197 -24.43 24.61 19.77
CA PHE A 197 -24.79 24.59 18.35
C PHE A 197 -26.29 24.51 18.07
N SER A 198 -26.74 25.15 17.00
CA SER A 198 -28.13 25.02 16.59
C SER A 198 -28.27 24.98 15.08
N ALA A 199 -29.47 24.61 14.62
CA ALA A 199 -29.83 24.65 13.21
C ALA A 199 -29.58 26.01 12.54
N ASP A 200 -29.50 27.10 13.32
CA ASP A 200 -29.33 28.42 12.73
C ASP A 200 -27.89 28.74 12.33
N ASP A 201 -26.94 27.92 12.78
CA ASP A 201 -25.53 28.19 12.50
C ASP A 201 -25.15 28.07 11.01
N ARG A 202 -24.07 28.75 10.65
CA ARG A 202 -23.42 28.55 9.38
C ARG A 202 -21.98 28.13 9.62
N TRP A 203 -21.62 26.95 9.13
CA TRP A 203 -20.28 26.41 9.27
C TRP A 203 -19.53 26.65 7.96
N LEU A 204 -18.25 26.99 8.05
CA LEU A 204 -17.47 27.19 6.84
C LEU A 204 -16.71 25.90 6.55
N LEU A 205 -16.82 25.35 5.34
CA LEU A 205 -15.93 24.25 4.97
C LEU A 205 -14.61 24.85 4.43
N PHE A 206 -13.71 25.17 5.35
CA PHE A 206 -12.44 25.77 5.00
C PHE A 206 -11.38 24.71 4.62
N HIS A 207 -11.52 23.49 5.12
CA HIS A 207 -10.42 22.52 5.03
C HIS A 207 -10.61 21.39 4.02
N SER A 208 -9.49 20.83 3.57
CA SER A 208 -9.49 19.75 2.57
C SER A 208 -10.30 18.56 3.04
N MET A 209 -11.00 17.89 2.14
CA MET A 209 -11.75 16.75 2.61
C MET A 209 -10.83 15.59 3.04
N ALA A 210 -9.54 15.70 2.68
CA ALA A 210 -8.52 14.73 3.12
C ALA A 210 -7.79 15.15 4.40
N PHE A 211 -8.34 16.16 5.09
CA PHE A 211 -7.89 16.58 6.42
C PHE A 211 -9.08 16.45 7.39
N ASP A 212 -8.87 15.77 8.51
CA ASP A 212 -10.00 15.35 9.31
C ASP A 212 -10.74 16.54 10.00
N PHE A 213 -10.19 17.74 9.90
CA PHE A 213 -10.81 18.94 10.44
C PHE A 213 -12.08 19.27 9.61
N SER A 214 -12.13 18.76 8.38
CA SER A 214 -13.31 18.88 7.51
C SER A 214 -14.49 18.03 7.96
N VAL A 215 -14.19 16.90 8.62
CA VAL A 215 -15.20 16.06 9.28
C VAL A 215 -15.98 16.82 10.35
N TRP A 216 -15.24 17.54 11.16
CA TRP A 216 -15.83 18.39 12.16
C TRP A 216 -16.68 19.45 11.49
N GLU A 217 -16.13 20.03 10.43
CA GLU A 217 -16.80 21.12 9.75
C GLU A 217 -18.09 20.61 9.08
N ILE A 218 -17.97 19.57 8.27
CA ILE A 218 -19.13 19.02 7.56
C ILE A 218 -20.24 18.55 8.50
N TRP A 219 -19.85 17.72 9.49
CA TRP A 219 -20.83 17.11 10.36
C TRP A 219 -21.29 18.03 11.47
N GLY A 220 -20.47 19.01 11.82
CA GLY A 220 -20.93 20.11 12.66
C GLY A 220 -22.23 20.67 12.10
N ALA A 221 -22.20 20.95 10.79
CA ALA A 221 -23.36 21.48 10.08
C ALA A 221 -24.47 20.47 9.84
N LEU A 222 -24.13 19.37 9.20
CA LEU A 222 -25.13 18.42 8.69
C LEU A 222 -25.83 17.61 9.78
N SER A 223 -25.24 17.52 10.98
CA SER A 223 -25.86 16.82 12.11
C SER A 223 -26.90 17.65 12.87
N THR A 224 -26.93 18.95 12.62
CA THR A 224 -27.79 19.82 13.43
C THR A 224 -28.83 20.58 12.63
N GLY A 225 -28.80 20.42 11.30
CA GLY A 225 -29.71 21.18 10.46
C GLY A 225 -29.11 22.50 10.00
N ALA A 226 -27.90 22.79 10.49
CA ALA A 226 -27.22 24.03 10.16
C ALA A 226 -26.80 24.04 8.70
N GLU A 227 -26.30 25.17 8.26
CA GLU A 227 -25.85 25.35 6.89
C GLU A 227 -24.35 25.13 6.75
N LEU A 228 -23.94 24.45 5.68
CA LEU A 228 -22.52 24.27 5.37
C LEU A 228 -22.12 25.15 4.18
N VAL A 229 -21.36 26.19 4.44
CA VAL A 229 -20.89 27.08 3.39
C VAL A 229 -19.60 26.54 2.75
N VAL A 230 -19.65 26.15 1.47
CA VAL A 230 -18.49 25.52 0.85
C VAL A 230 -17.57 26.59 0.28
N LEU A 231 -16.32 26.62 0.70
CA LEU A 231 -15.38 27.55 0.11
C LEU A 231 -14.95 26.95 -1.24
N PRO A 232 -15.49 27.48 -2.35
CA PRO A 232 -15.21 26.81 -3.62
C PRO A 232 -13.72 26.89 -3.96
N TYR A 233 -13.21 25.97 -4.76
CA TYR A 233 -11.76 25.82 -4.88
C TYR A 233 -11.11 26.82 -5.87
N TRP A 234 -10.33 27.74 -5.31
CA TRP A 234 -9.78 28.92 -6.00
C TRP A 234 -8.49 29.32 -5.24
N THR A 235 -7.34 29.06 -5.84
CA THR A 235 -6.05 29.16 -5.13
C THR A 235 -5.51 30.60 -5.13
N ALA A 236 -6.11 31.44 -5.96
CA ALA A 236 -5.75 32.84 -6.03
C ALA A 236 -6.63 33.70 -5.13
N ARG A 237 -7.51 33.05 -4.38
CA ARG A 237 -8.29 33.76 -3.36
C ARG A 237 -7.32 34.18 -2.25
N THR A 238 -7.44 35.44 -1.83
CA THR A 238 -6.59 35.98 -0.79
C THR A 238 -7.22 35.73 0.58
N PRO A 239 -6.45 35.91 1.67
CA PRO A 239 -7.06 35.92 3.00
C PRO A 239 -8.13 36.98 3.09
N VAL A 240 -7.91 38.08 2.39
CA VAL A 240 -8.83 39.20 2.39
C VAL A 240 -10.18 38.78 1.80
N GLU A 241 -10.14 38.00 0.72
CA GLU A 241 -11.36 37.47 0.11
C GLU A 241 -12.05 36.47 1.04
N THR A 242 -11.23 35.69 1.72
CA THR A 242 -11.71 34.71 2.67
C THR A 242 -12.45 35.42 3.78
N ALA A 243 -11.78 36.41 4.36
CA ALA A 243 -12.42 37.27 5.34
C ALA A 243 -13.75 37.81 4.80
N ARG A 244 -13.81 38.24 3.55
CA ARG A 244 -14.99 38.91 3.06
C ARG A 244 -16.16 37.95 2.92
N VAL A 245 -15.88 36.74 2.46
CA VAL A 245 -16.89 35.69 2.42
C VAL A 245 -17.40 35.35 3.82
N VAL A 246 -16.49 35.31 4.79
CA VAL A 246 -16.85 34.96 6.16
C VAL A 246 -17.90 35.95 6.73
N ARG A 247 -17.71 37.24 6.47
CA ARG A 247 -18.71 38.22 6.85
C ARG A 247 -19.96 38.05 6.00
N ASP A 248 -19.78 38.13 4.69
CA ASP A 248 -20.93 38.10 3.77
C ASP A 248 -21.80 36.82 3.79
N ARG A 249 -21.21 35.64 3.99
CA ARG A 249 -22.03 34.43 4.05
C ARG A 249 -22.50 34.17 5.48
N GLY A 250 -22.18 35.09 6.39
CA GLY A 250 -22.74 35.11 7.74
C GLY A 250 -22.30 33.97 8.66
N ILE A 251 -21.07 33.51 8.48
CA ILE A 251 -20.55 32.38 9.24
C ILE A 251 -20.57 32.60 10.76
N THR A 252 -21.10 31.61 11.47
CA THR A 252 -21.17 31.66 12.93
C THR A 252 -20.12 30.73 13.59
N VAL A 253 -19.66 29.71 12.86
CA VAL A 253 -18.70 28.77 13.40
C VAL A 253 -17.49 28.64 12.47
N LEU A 254 -16.39 29.30 12.82
CA LEU A 254 -15.22 29.27 11.97
C LEU A 254 -14.13 28.38 12.60
N ASN A 255 -13.62 27.43 11.81
CA ASN A 255 -12.49 26.56 12.16
C ASN A 255 -11.20 26.93 11.44
N GLN A 256 -10.13 27.10 12.19
CA GLN A 256 -8.87 27.59 11.64
C GLN A 256 -7.68 26.90 12.29
N THR A 257 -6.63 26.65 11.54
CA THR A 257 -5.36 26.41 12.19
C THR A 257 -4.85 27.74 12.69
N PRO A 258 -3.94 27.73 13.67
CA PRO A 258 -3.40 29.03 14.08
C PRO A 258 -2.71 29.77 12.93
N THR A 259 -1.96 29.10 12.07
CA THR A 259 -1.35 29.73 10.90
C THR A 259 -2.36 30.44 10.01
N ALA A 260 -3.47 29.75 9.74
CA ALA A 260 -4.55 30.29 8.91
C ALA A 260 -5.20 31.50 9.58
N PHE A 261 -5.44 31.40 10.89
CA PHE A 261 -6.06 32.47 11.67
C PHE A 261 -5.18 33.72 11.79
N GLY A 262 -3.86 33.55 11.92
CA GLY A 262 -2.98 34.70 11.97
C GLY A 262 -3.13 35.52 10.70
N ALA A 263 -3.08 34.85 9.57
CA ALA A 263 -3.22 35.52 8.28
C ALA A 263 -4.66 36.10 8.08
N LEU A 264 -5.66 35.38 8.58
CA LEU A 264 -7.02 35.89 8.54
C LEU A 264 -7.13 37.21 9.33
N THR A 265 -6.55 37.20 10.51
CA THR A 265 -6.60 38.35 11.40
C THR A 265 -5.97 39.59 10.80
N THR A 266 -4.86 39.40 10.08
CA THR A 266 -4.18 40.49 9.44
C THR A 266 -5.12 41.17 8.48
N ALA A 267 -5.80 40.34 7.70
CA ALA A 267 -6.73 40.77 6.68
C ALA A 267 -7.99 41.46 7.27
N VAL A 268 -8.56 40.86 8.31
CA VAL A 268 -9.72 41.46 8.98
C VAL A 268 -9.36 42.83 9.56
N LEU A 269 -8.23 42.89 10.24
CA LEU A 269 -7.77 44.15 10.84
C LEU A 269 -7.39 45.19 9.80
N GLY A 270 -6.77 44.77 8.70
CA GLY A 270 -6.36 45.71 7.66
C GLY A 270 -7.51 46.39 6.94
N GLU A 271 -8.45 45.60 6.43
CA GLU A 271 -9.63 46.13 5.78
C GLU A 271 -10.70 46.62 6.80
N GLY A 272 -10.50 46.30 8.07
CA GLY A 272 -11.44 46.74 9.09
C GLY A 272 -12.77 46.02 9.01
N ILE A 273 -12.70 44.74 8.73
CA ILE A 273 -13.92 43.99 8.58
C ILE A 273 -14.58 43.71 9.95
N ASP A 274 -15.90 43.78 10.00
CA ASP A 274 -16.58 43.38 11.22
C ASP A 274 -17.23 42.04 11.01
N LEU A 275 -17.27 41.21 12.04
CA LEU A 275 -17.92 39.91 11.92
C LEU A 275 -18.94 39.64 13.03
N PRO A 276 -20.02 40.45 13.07
CA PRO A 276 -20.94 40.37 14.21
C PRO A 276 -21.65 39.02 14.36
N GLU A 277 -21.72 38.25 13.28
CA GLU A 277 -22.38 36.95 13.33
C GLU A 277 -21.51 35.80 13.87
N LEU A 278 -20.19 35.99 13.89
CA LEU A 278 -19.29 34.94 14.41
C LEU A 278 -19.56 34.60 15.88
N ARG A 279 -19.88 33.33 16.13
CA ARG A 279 -20.13 32.86 17.50
C ARG A 279 -18.95 32.10 18.03
N TYR A 280 -18.31 31.30 17.18
CA TYR A 280 -17.16 30.51 17.60
C TYR A 280 -16.03 30.54 16.60
N VAL A 281 -14.81 30.72 17.08
CA VAL A 281 -13.66 30.38 16.28
C VAL A 281 -12.94 29.24 17.00
N VAL A 282 -12.77 28.12 16.32
CA VAL A 282 -12.17 26.94 16.92
C VAL A 282 -10.84 26.76 16.28
N PHE A 283 -9.81 26.58 17.10
CA PHE A 283 -8.46 26.36 16.59
C PHE A 283 -8.13 24.89 16.71
N GLY A 284 -7.41 24.36 15.73
CA GLY A 284 -6.87 23.03 15.88
C GLY A 284 -5.63 22.76 15.06
N GLY A 285 -4.85 21.78 15.49
CA GLY A 285 -3.85 21.20 14.63
C GLY A 285 -2.44 21.71 14.86
N GLU A 286 -2.29 22.83 15.56
CA GLU A 286 -0.97 23.41 15.82
C GLU A 286 -0.96 23.97 17.21
N LYS A 287 0.24 24.25 17.71
CA LYS A 287 0.41 24.91 19.00
C LYS A 287 -0.05 26.36 18.90
N LEU A 288 -1.05 26.74 19.68
CA LEU A 288 -1.57 28.10 19.61
C LEU A 288 -0.89 29.00 20.67
N THR A 289 -0.09 29.97 20.23
CA THR A 289 0.58 30.89 21.14
C THR A 289 -0.29 32.11 21.38
N PRO A 290 -0.31 32.59 22.63
CA PRO A 290 -1.04 33.80 23.00
C PRO A 290 -0.80 34.98 22.05
N ALA A 291 0.43 35.15 21.58
CA ALA A 291 0.76 36.25 20.69
C ALA A 291 -0.11 36.29 19.42
N VAL A 292 -0.30 35.13 18.79
CA VAL A 292 -1.18 34.97 17.64
C VAL A 292 -2.62 35.51 17.92
N VAL A 293 -3.10 35.34 19.15
CA VAL A 293 -4.46 35.71 19.54
C VAL A 293 -4.66 37.19 19.98
N ARG A 294 -3.60 37.84 20.49
CA ARG A 294 -3.72 39.20 21.04
C ARG A 294 -4.34 40.22 20.07
N PRO A 295 -3.86 40.29 18.81
CA PRO A 295 -4.45 41.31 17.93
C PRO A 295 -5.95 41.13 17.73
N TRP A 296 -6.38 39.89 17.52
CA TRP A 296 -7.81 39.60 17.49
C TRP A 296 -8.52 40.11 18.74
N ALA A 297 -7.98 39.77 19.91
CA ALA A 297 -8.67 39.99 21.16
C ALA A 297 -8.84 41.49 21.48
N LYS A 298 -7.94 42.33 21.02
CA LYS A 298 -8.15 43.74 21.27
C LYS A 298 -9.31 44.32 20.45
N ARG A 299 -9.54 43.76 19.26
CA ARG A 299 -10.62 44.25 18.39
C ARG A 299 -12.00 43.80 18.78
N PHE A 300 -12.12 42.49 19.05
CA PHE A 300 -13.41 41.85 19.31
C PHE A 300 -13.59 41.46 20.77
N GLY A 301 -12.51 41.48 21.54
CA GLY A 301 -12.58 40.89 22.85
C GLY A 301 -12.60 39.36 22.79
N LEU A 302 -13.08 38.75 23.88
CA LEU A 302 -13.00 37.33 24.09
C LEU A 302 -14.38 36.76 24.36
N ASP A 303 -15.39 37.62 24.34
CA ASP A 303 -16.78 37.23 24.64
C ASP A 303 -17.60 36.86 23.42
N ARG A 304 -17.23 37.41 22.27
CA ARG A 304 -17.94 37.12 21.03
C ARG A 304 -17.05 37.48 19.86
N PRO A 305 -16.72 36.48 19.03
CA PRO A 305 -17.01 35.06 19.27
C PRO A 305 -16.20 34.50 20.44
N HIS A 306 -16.56 33.32 20.92
CA HIS A 306 -15.67 32.59 21.82
C HIS A 306 -14.45 32.09 21.03
N LEU A 307 -13.28 32.12 21.66
CA LEU A 307 -12.13 31.46 21.07
C LEU A 307 -11.86 30.17 21.84
N ILE A 308 -11.84 29.06 21.11
CA ILE A 308 -11.65 27.73 21.66
C ILE A 308 -10.46 27.03 21.01
N ASN A 309 -9.48 26.68 21.83
CA ASN A 309 -8.35 25.94 21.33
C ASN A 309 -8.71 24.49 21.52
N MET A 310 -8.52 23.67 20.50
CA MET A 310 -8.76 22.23 20.67
C MET A 310 -7.52 21.44 20.27
N TYR A 311 -6.95 20.71 21.22
CA TYR A 311 -5.89 19.77 20.89
C TYR A 311 -6.58 18.58 20.28
N GLY A 312 -5.97 18.02 19.23
CA GLY A 312 -6.54 16.87 18.56
C GLY A 312 -5.52 16.14 17.73
N ILE A 313 -5.81 14.88 17.44
CA ILE A 313 -5.03 14.02 16.56
C ILE A 313 -5.97 13.18 15.76
N THR A 314 -5.56 12.77 14.56
CA THR A 314 -6.44 12.01 13.69
C THR A 314 -6.79 10.65 14.31
N GLU A 315 -5.86 10.12 15.11
CA GLU A 315 -6.04 8.82 15.74
C GLU A 315 -7.12 8.79 16.82
N THR A 316 -7.57 9.95 17.28
CA THR A 316 -8.62 9.98 18.30
C THR A 316 -9.79 10.85 17.84
N THR A 317 -9.93 10.96 16.52
CA THR A 317 -11.06 11.58 15.83
C THR A 317 -11.16 13.10 15.99
N VAL A 318 -10.33 13.82 15.24
CA VAL A 318 -10.37 15.28 15.13
C VAL A 318 -9.97 16.09 16.37
N HIS A 319 -10.72 15.99 17.47
CA HIS A 319 -10.43 16.74 18.70
C HIS A 319 -10.35 15.86 19.94
N ALA A 320 -9.49 16.24 20.88
CA ALA A 320 -9.32 15.48 22.11
C ALA A 320 -9.44 16.34 23.37
N THR A 321 -9.39 17.67 23.20
CA THR A 321 -9.53 18.59 24.34
C THR A 321 -10.34 19.83 23.95
N PHE A 322 -10.58 20.67 24.95
CA PHE A 322 -11.38 21.89 24.82
C PHE A 322 -10.87 22.92 25.83
N HIS A 323 -10.62 24.12 25.35
CA HIS A 323 -10.28 25.20 26.24
C HIS A 323 -10.76 26.51 25.67
N ARG A 324 -11.71 27.14 26.38
CA ARG A 324 -12.13 28.48 26.02
C ARG A 324 -11.07 29.51 26.45
N LEU A 325 -10.61 30.31 25.51
CA LEU A 325 -9.61 31.32 25.81
C LEU A 325 -10.15 32.44 26.75
N THR A 326 -9.29 32.84 27.69
CA THR A 326 -9.59 33.90 28.67
C THR A 326 -8.48 34.95 28.65
N GLU A 327 -8.71 36.09 29.29
CA GLU A 327 -7.69 37.13 29.38
C GLU A 327 -6.37 36.60 29.96
N ASP A 328 -6.44 35.76 30.99
CA ASP A 328 -5.24 35.22 31.63
C ASP A 328 -4.29 34.53 30.64
N ASP A 329 -4.86 33.82 29.66
CA ASP A 329 -4.04 33.12 28.66
C ASP A 329 -3.21 34.09 27.81
N LEU A 330 -3.60 35.36 27.78
CA LEU A 330 -2.84 36.35 27.03
C LEU A 330 -1.78 37.06 27.86
N ALA A 331 -1.69 36.75 29.15
CA ALA A 331 -0.68 37.39 29.99
C ALA A 331 0.63 36.65 29.84
N ALA A 332 0.58 35.33 30.01
CA ALA A 332 1.78 34.51 29.89
C ALA A 332 1.97 34.05 28.47
N GLU A 333 2.95 33.19 28.24
CA GLU A 333 3.14 32.65 26.91
C GLU A 333 2.93 31.16 26.90
N ASP A 334 1.97 30.69 27.70
CA ASP A 334 1.64 29.28 27.77
C ASP A 334 0.50 28.89 26.81
N SER A 335 0.63 27.70 26.24
CA SER A 335 -0.36 27.12 25.35
C SER A 335 -1.34 26.19 26.07
N VAL A 336 -2.45 26.74 26.53
CA VAL A 336 -3.42 25.93 27.25
C VAL A 336 -4.37 25.19 26.30
N ILE A 337 -4.41 23.87 26.41
CA ILE A 337 -5.30 23.05 25.59
C ILE A 337 -6.47 22.59 26.43
N GLY A 338 -6.38 22.77 27.74
CA GLY A 338 -7.52 22.54 28.63
C GLY A 338 -7.71 21.11 29.12
N ARG A 339 -8.94 20.61 29.08
CA ARG A 339 -9.25 19.24 29.54
C ARG A 339 -9.68 18.31 28.42
N PRO A 340 -9.38 17.01 28.56
CA PRO A 340 -9.89 16.01 27.62
C PRO A 340 -11.40 16.09 27.43
N LEU A 341 -11.91 15.85 26.22
CA LEU A 341 -13.37 15.75 26.04
C LEU A 341 -13.96 14.67 26.93
N PRO A 342 -15.22 14.90 27.39
CA PRO A 342 -15.95 13.97 28.27
C PRO A 342 -15.71 12.48 27.98
N GLY A 343 -15.67 12.05 26.74
CA GLY A 343 -15.46 10.61 26.54
C GLY A 343 -14.14 10.02 27.03
N PHE A 344 -13.11 10.86 27.11
CA PHE A 344 -11.74 10.42 27.36
C PHE A 344 -11.32 10.19 28.79
N THR A 345 -10.52 9.15 28.98
CA THR A 345 -9.63 9.13 30.13
C THR A 345 -8.21 9.26 29.58
N HIS A 346 -7.28 9.72 30.43
CA HIS A 346 -5.93 10.00 29.96
C HIS A 346 -4.86 9.78 31.02
N ARG A 347 -3.61 9.78 30.58
CA ARG A 347 -2.44 9.66 31.43
C ARG A 347 -1.42 10.68 30.92
N ILE A 348 -0.58 11.18 31.81
CA ILE A 348 0.57 11.98 31.41
C ILE A 348 1.77 11.17 31.87
N VAL A 349 2.56 10.66 30.93
CA VAL A 349 3.48 9.56 31.21
C VAL A 349 4.96 9.90 31.05
N THR A 350 5.75 9.51 32.05
CA THR A 350 7.19 9.74 32.03
C THR A 350 7.91 8.72 31.15
N GLU A 351 9.16 9.02 30.80
CA GLU A 351 9.99 8.16 29.96
C GLU A 351 10.05 6.75 30.54
N ASP A 352 9.81 6.73 31.85
CA ASP A 352 9.76 5.57 32.72
C ASP A 352 8.48 4.75 32.73
N GLY A 353 7.45 5.27 32.06
CA GLY A 353 6.13 4.68 32.11
C GLY A 353 5.33 5.12 33.33
N ARG A 354 5.82 6.11 34.05
CA ARG A 354 5.15 6.52 35.28
C ARG A 354 4.23 7.70 35.06
N ASP A 355 3.19 7.81 35.89
CA ASP A 355 2.31 8.99 35.89
C ASP A 355 3.07 10.22 36.38
N ALA A 356 2.95 11.34 35.66
CA ALA A 356 3.76 12.52 35.93
C ALA A 356 3.17 13.40 37.03
N ALA A 357 4.03 14.09 37.78
CA ALA A 357 3.56 15.05 38.79
C ALA A 357 2.98 16.31 38.16
N THR A 358 2.22 17.08 38.93
CA THR A 358 1.68 18.38 38.49
C THR A 358 2.80 19.35 38.08
N GLY A 359 2.62 20.02 36.94
CA GLY A 359 3.65 20.90 36.42
C GLY A 359 4.77 20.13 35.74
N GLU A 360 4.73 18.80 35.83
CA GLU A 360 5.75 18.00 35.17
C GLU A 360 5.30 17.57 33.77
N PRO A 361 6.16 17.79 32.77
CA PRO A 361 5.92 17.39 31.38
C PRO A 361 5.97 15.88 31.20
N GLY A 362 5.10 15.32 30.36
CA GLY A 362 5.18 13.91 30.04
C GLY A 362 4.40 13.64 28.77
N GLU A 363 4.42 12.39 28.29
CA GLU A 363 3.65 12.01 27.12
C GLU A 363 2.15 11.81 27.40
N LEU A 364 1.30 12.48 26.62
CA LEU A 364 -0.14 12.29 26.80
C LEU A 364 -0.60 11.00 26.14
N TRP A 365 -1.34 10.21 26.92
CA TRP A 365 -2.00 8.99 26.48
C TRP A 365 -3.51 9.23 26.56
N LEU A 366 -4.28 8.63 25.63
CA LEU A 366 -5.73 8.85 25.56
C LEU A 366 -6.53 7.55 25.34
N ALA A 367 -7.56 7.36 26.16
CA ALA A 367 -8.47 6.22 26.01
C ALA A 367 -9.90 6.70 25.90
N GLY A 368 -10.75 5.91 25.24
CA GLY A 368 -12.17 6.25 25.12
C GLY A 368 -12.78 5.89 23.78
N PRO A 369 -14.08 6.19 23.61
CA PRO A 369 -14.82 5.81 22.40
C PRO A 369 -14.44 6.57 21.12
N GLN A 370 -13.67 7.66 21.22
CA GLN A 370 -13.19 8.36 20.02
C GLN A 370 -11.86 7.82 19.50
N VAL A 371 -11.18 7.00 20.30
CA VAL A 371 -9.93 6.44 19.85
C VAL A 371 -10.13 5.38 18.73
N SER A 372 -9.49 5.63 17.58
CA SER A 372 -9.47 4.69 16.45
C SER A 372 -8.98 3.28 16.77
N GLU A 373 -9.25 2.35 15.87
CA GLU A 373 -8.86 0.96 16.09
C GLU A 373 -7.46 0.63 15.59
N GLY A 374 -6.62 1.65 15.41
CA GLY A 374 -5.27 1.44 14.96
C GLY A 374 -5.07 1.76 13.49
N TYR A 375 -3.82 1.78 13.04
CA TYR A 375 -3.51 2.10 11.66
C TYR A 375 -3.95 1.00 10.71
N LEU A 376 -4.15 1.39 9.46
CA LEU A 376 -4.39 0.45 8.39
C LEU A 376 -3.07 -0.13 7.86
N ASN A 377 -2.95 -1.45 7.87
CA ASN A 377 -1.79 -2.13 7.31
C ASN A 377 -0.44 -1.61 7.85
N ARG A 378 -0.41 -1.24 9.13
CA ARG A 378 0.84 -0.87 9.82
C ARG A 378 0.80 -1.59 11.16
N PRO A 379 0.92 -2.92 11.12
CA PRO A 379 0.58 -3.69 12.32
C PRO A 379 1.54 -3.46 13.49
N GLU A 380 2.81 -3.18 13.20
CA GLU A 380 3.81 -2.98 14.25
C GLU A 380 3.71 -1.60 14.88
N LEU A 381 3.44 -0.59 14.05
CA LEU A 381 3.18 0.75 14.59
C LEU A 381 1.94 0.76 15.48
N THR A 382 0.92 0.01 15.07
CA THR A 382 -0.29 -0.06 15.88
C THR A 382 0.02 -0.65 17.23
N ALA A 383 0.76 -1.74 17.20
CA ALA A 383 1.23 -2.41 18.41
C ALA A 383 1.89 -1.45 19.38
N GLU A 384 2.70 -0.52 18.87
CA GLU A 384 3.44 0.41 19.70
C GLU A 384 2.62 1.55 20.29
N ARG A 385 1.72 2.12 19.49
CA ARG A 385 1.06 3.36 19.87
C ARG A 385 -0.34 3.19 20.44
N PHE A 386 -0.91 1.99 20.28
CA PHE A 386 -2.19 1.63 20.88
C PHE A 386 -1.95 0.45 21.82
N THR A 387 -1.98 0.69 23.13
CA THR A 387 -1.66 -0.34 24.11
C THR A 387 -2.78 -0.59 25.12
N THR A 388 -2.88 -1.83 25.60
CA THR A 388 -3.78 -2.21 26.69
C THR A 388 -2.97 -2.90 27.78
N GLY A 389 -3.13 -2.48 29.02
CA GLY A 389 -2.48 -3.17 30.12
C GLY A 389 -2.90 -4.63 30.24
N PRO A 390 -2.42 -5.33 31.27
CA PRO A 390 -2.83 -6.72 31.44
C PRO A 390 -3.81 -6.95 32.59
N PRO A 398 -8.58 -2.86 31.82
CA PRO A 398 -7.67 -1.75 31.54
C PRO A 398 -8.04 -0.98 30.27
N PRO A 399 -7.83 0.35 30.27
CA PRO A 399 -8.22 1.06 29.05
C PRO A 399 -7.23 0.79 27.92
N ARG A 400 -7.69 1.03 26.69
CA ARG A 400 -6.84 0.99 25.51
C ARG A 400 -6.34 2.41 25.25
N TYR A 401 -5.04 2.64 25.38
CA TYR A 401 -4.48 3.99 25.32
C TYR A 401 -3.82 4.26 23.98
N TYR A 402 -4.08 5.42 23.37
CA TYR A 402 -3.27 5.85 22.23
C TYR A 402 -2.18 6.81 22.70
N HIS A 403 -0.97 6.52 22.30
CA HIS A 403 0.16 7.33 22.69
C HIS A 403 0.32 8.44 21.66
N SER A 404 0.08 9.67 22.09
CA SER A 404 0.01 10.81 21.17
C SER A 404 1.40 11.19 20.65
N GLY A 405 2.42 10.90 21.44
CA GLY A 405 3.76 11.37 21.15
C GLY A 405 3.88 12.87 21.38
N ASP A 406 2.96 13.42 22.18
CA ASP A 406 2.94 14.84 22.50
C ASP A 406 3.26 15.04 23.98
N LEU A 407 4.06 16.05 24.27
CA LEU A 407 4.40 16.40 25.65
C LEU A 407 3.46 17.48 26.22
N VAL A 408 2.85 17.18 27.36
CA VAL A 408 1.99 18.12 28.08
C VAL A 408 2.27 18.10 29.61
N SER A 409 1.74 19.10 30.31
CA SER A 409 1.74 19.11 31.79
C SER A 409 0.36 19.41 32.33
N ARG A 410 0.05 18.84 33.49
CA ARG A 410 -1.16 19.24 34.20
C ARG A 410 -0.81 20.39 35.15
N ARG A 411 -1.30 21.59 34.85
CA ARG A 411 -1.10 22.78 35.68
C ARG A 411 -2.08 22.70 36.85
N ALA A 412 -1.75 23.38 37.95
CA ALA A 412 -2.68 23.52 39.07
C ALA A 412 -3.99 24.06 38.56
N GLY A 413 -5.08 23.37 38.89
CA GLY A 413 -6.38 23.73 38.38
C GLY A 413 -6.88 22.66 37.43
N GLY A 414 -5.97 21.78 37.01
CA GLY A 414 -6.35 20.63 36.22
C GLY A 414 -6.30 20.79 34.70
N ASP A 415 -5.93 21.96 34.22
CA ASP A 415 -5.80 22.20 32.76
C ASP A 415 -4.53 21.61 32.18
N LEU A 416 -4.62 21.12 30.96
CA LEU A 416 -3.41 20.71 30.26
C LEU A 416 -2.78 21.90 29.54
N VAL A 417 -1.45 21.98 29.62
CA VAL A 417 -0.68 22.94 28.88
C VAL A 417 0.19 22.14 27.90
N TYR A 418 0.21 22.54 26.64
CA TYR A 418 0.92 21.79 25.62
C TYR A 418 2.37 22.24 25.55
N GLN A 419 3.30 21.29 25.60
CA GLN A 419 4.73 21.61 25.60
C GLN A 419 5.37 21.43 24.22
N GLY A 420 5.17 20.27 23.61
CA GLY A 420 5.66 20.03 22.26
C GLY A 420 5.74 18.56 21.90
N ARG A 421 6.21 18.26 20.69
CA ARG A 421 6.33 16.89 20.23
C ARG A 421 7.61 16.21 20.67
N ALA A 422 7.50 14.99 21.21
CA ALA A 422 8.68 14.19 21.54
C ALA A 422 9.60 14.02 20.32
N ASP A 423 8.99 13.91 19.14
CA ASP A 423 9.67 13.99 17.84
C ASP A 423 10.71 15.12 17.77
N LEU A 424 10.37 16.27 18.35
CA LEU A 424 11.15 17.49 18.14
C LEU A 424 12.03 17.83 19.34
N GLN A 425 11.92 17.03 20.38
CA GLN A 425 12.86 17.08 21.47
C GLN A 425 13.98 16.09 21.12
N VAL A 426 15.05 16.60 20.51
CA VAL A 426 16.16 15.79 19.97
C VAL A 426 17.48 16.08 20.70
N LYS A 427 18.47 15.20 20.53
CA LYS A 427 19.79 15.45 21.11
C LYS A 427 20.89 15.50 20.05
N LEU A 428 21.83 16.42 20.27
CA LEU A 428 22.89 16.74 19.31
C LEU A 428 24.17 17.08 20.05
N ARG A 429 25.22 16.29 19.83
CA ARG A 429 26.54 16.49 20.44
C ARG A 429 26.46 16.82 21.95
N GLY A 430 25.78 15.96 22.72
CA GLY A 430 25.75 16.10 24.16
C GLY A 430 24.66 16.99 24.77
N HIS A 431 23.97 17.75 23.92
CA HIS A 431 22.88 18.61 24.36
C HIS A 431 21.52 18.16 23.89
N ARG A 432 20.50 18.46 24.68
CA ARG A 432 19.09 18.24 24.30
CA ARG A 432 19.14 18.22 24.23
C ARG A 432 18.48 19.52 23.75
N ILE A 433 17.90 19.43 22.56
CA ILE A 433 17.34 20.60 21.92
C ILE A 433 15.84 20.47 21.69
N GLU A 434 15.12 21.45 22.18
CA GLU A 434 13.73 21.67 21.82
C GLU A 434 13.67 22.42 20.50
N LEU A 435 13.54 21.70 19.39
CA LEU A 435 13.54 22.33 18.07
C LEU A 435 12.46 23.42 18.02
N SER A 436 11.33 23.15 18.66
CA SER A 436 10.22 24.07 18.70
C SER A 436 10.51 25.39 19.44
N ASP A 437 11.36 25.35 20.46
CA ASP A 437 11.84 26.57 21.14
C ASP A 437 12.75 27.44 20.26
N VAL A 438 13.60 26.80 19.47
CA VAL A 438 14.45 27.54 18.53
C VAL A 438 13.59 28.27 17.53
N GLU A 439 12.56 27.56 17.09
CA GLU A 439 11.65 28.05 16.09
C GLU A 439 11.01 29.32 16.62
N ALA A 440 10.45 29.25 17.82
CA ALA A 440 9.80 30.40 18.43
C ALA A 440 10.79 31.55 18.59
N ALA A 441 12.01 31.23 18.99
CA ALA A 441 13.04 32.26 19.13
C ALA A 441 13.34 32.95 17.80
N VAL A 442 13.36 32.19 16.71
CA VAL A 442 13.54 32.80 15.41
C VAL A 442 12.31 33.65 15.07
N ARG A 443 11.12 33.12 15.33
CA ARG A 443 9.87 33.88 15.10
C ARG A 443 9.78 35.20 15.88
N THR A 444 10.49 35.27 17.01
CA THR A 444 10.59 36.49 17.81
C THR A 444 11.09 37.69 17.01
N HIS A 445 11.73 37.44 15.88
CA HIS A 445 12.14 38.56 15.02
C HIS A 445 10.95 39.19 14.28
N PRO A 446 10.74 40.50 14.50
CA PRO A 446 9.52 41.19 14.02
C PRO A 446 9.17 40.98 12.54
N ALA A 447 10.18 40.86 11.67
CA ALA A 447 9.97 40.73 10.24
C ALA A 447 9.89 39.25 9.78
N VAL A 448 9.90 38.34 10.75
CA VAL A 448 9.78 36.92 10.45
C VAL A 448 8.40 36.38 10.75
N VAL A 449 7.67 35.92 9.73
CA VAL A 449 6.41 35.22 9.94
C VAL A 449 6.62 33.82 10.52
N ASP A 450 7.31 32.94 9.79
CA ASP A 450 7.36 31.54 10.19
C ASP A 450 8.75 30.93 10.10
N ALA A 451 8.98 29.90 10.92
CA ALA A 451 10.27 29.22 10.92
C ALA A 451 10.14 27.70 11.10
N VAL A 452 11.03 26.94 10.46
CA VAL A 452 11.16 25.50 10.67
C VAL A 452 12.62 25.20 11.03
N VAL A 453 12.84 24.61 12.19
CA VAL A 453 14.21 24.33 12.64
C VAL A 453 14.38 22.83 12.79
N TRP A 454 15.43 22.27 12.19
CA TRP A 454 15.68 20.83 12.36
C TRP A 454 17.17 20.46 12.37
N VAL A 455 17.45 19.24 12.79
CA VAL A 455 18.79 18.69 12.63
C VAL A 455 18.92 18.15 11.20
N HIS A 456 19.91 18.63 10.48
CA HIS A 456 20.09 18.14 9.10
C HIS A 456 21.34 17.31 8.97
N GLU A 457 21.23 16.15 8.34
CA GLU A 457 22.42 15.35 8.08
C GLU A 457 23.10 15.81 6.79
N PHE A 458 24.18 16.57 6.93
CA PHE A 458 24.91 17.08 5.77
C PHE A 458 25.68 15.90 5.20
N ALA A 459 26.22 15.13 6.13
CA ALA A 459 26.84 13.85 5.86
C ALA A 459 26.62 13.03 7.13
N PRO A 460 26.79 11.71 7.06
CA PRO A 460 26.86 10.88 8.28
C PRO A 460 27.74 11.46 9.39
N GLY A 461 28.89 12.03 9.02
CA GLY A 461 29.74 12.67 10.01
C GLY A 461 29.21 14.00 10.54
N ASP A 462 28.61 14.79 9.66
CA ASP A 462 28.24 16.18 9.97
C ASP A 462 26.73 16.33 10.17
N SER A 463 26.30 16.38 11.43
CA SER A 463 24.90 16.70 11.73
C SER A 463 24.78 18.08 12.40
N ARG A 464 24.07 19.00 11.75
CA ARG A 464 23.92 20.34 12.30
C ARG A 464 22.50 20.93 12.27
N LEU A 465 22.25 21.80 13.24
CA LEU A 465 21.06 22.62 13.36
C LEU A 465 20.86 23.58 12.18
N VAL A 466 19.70 23.51 11.57
CA VAL A 466 19.39 24.29 10.37
C VAL A 466 18.03 24.96 10.54
N CYS A 467 17.84 26.11 9.89
CA CYS A 467 16.57 26.81 9.93
C CYS A 467 16.13 27.28 8.56
N ALA A 468 14.87 27.02 8.23
CA ALA A 468 14.23 27.76 7.14
C ALA A 468 13.19 28.72 7.74
N TYR A 469 13.02 29.87 7.11
CA TYR A 469 12.12 30.87 7.64
C TYR A 469 11.56 31.75 6.52
N THR A 470 10.44 32.40 6.80
CA THR A 470 9.78 33.26 5.81
C THR A 470 9.61 34.68 6.34
N ALA A 471 9.49 35.65 5.44
CA ALA A 471 9.26 37.04 5.82
C ALA A 471 7.81 37.43 5.59
N PRO A 480 14.47 40.48 6.46
CA PRO A 480 15.65 40.18 7.27
C PRO A 480 16.50 39.04 6.72
N ASP A 481 17.70 39.35 6.28
CA ASP A 481 18.67 38.32 5.88
C ASP A 481 19.17 37.51 7.06
N ALA A 482 19.75 36.36 6.73
CA ALA A 482 20.31 35.43 7.70
C ALA A 482 21.21 36.08 8.73
N ARG A 483 22.01 37.05 8.28
CA ARG A 483 22.96 37.75 9.14
C ARG A 483 22.27 38.50 10.29
N ALA A 484 21.25 39.28 9.97
CA ALA A 484 20.49 40.00 10.98
C ALA A 484 19.77 39.02 11.90
N LEU A 485 19.25 37.94 11.32
CA LEU A 485 18.47 36.97 12.07
C LEU A 485 19.38 36.23 13.05
N ARG A 486 20.53 35.81 12.53
CA ARG A 486 21.56 35.13 13.29
C ARG A 486 22.02 36.00 14.47
N ALA A 487 22.28 37.28 14.19
CA ALA A 487 22.69 38.24 15.21
C ALA A 487 21.64 38.40 16.31
N HIS A 488 20.36 38.43 15.90
CA HIS A 488 19.26 38.53 16.86
C HIS A 488 19.09 37.30 17.74
N VAL A 489 19.17 36.12 17.13
CA VAL A 489 19.01 34.86 17.83
C VAL A 489 20.13 34.57 18.84
N LYS A 490 21.32 35.14 18.58
CA LYS A 490 22.44 35.05 19.54
C LYS A 490 22.10 35.73 20.86
N THR A 491 21.10 36.59 20.84
CA THR A 491 20.57 37.22 22.05
C THR A 491 19.70 36.27 22.84
N VAL A 492 18.83 35.58 22.13
CA VAL A 492 17.70 34.88 22.73
C VAL A 492 18.04 33.49 23.22
N LEU A 493 18.99 32.84 22.57
CA LEU A 493 19.22 31.41 22.81
C LEU A 493 20.63 31.09 23.26
N PRO A 494 20.78 30.04 24.05
CA PRO A 494 22.14 29.56 24.26
C PRO A 494 22.80 29.06 22.95
N SER A 495 24.13 29.07 22.94
CA SER A 495 24.93 28.82 21.73
C SER A 495 24.70 27.48 21.06
N TYR A 496 24.54 26.42 21.86
CA TYR A 496 24.27 25.08 21.34
C TYR A 496 22.90 25.00 20.65
N MET A 497 22.02 25.95 20.96
CA MET A 497 20.68 25.96 20.39
C MET A 497 20.55 26.85 19.17
N GLN A 498 21.65 27.44 18.73
CA GLN A 498 21.63 28.39 17.60
C GLN A 498 21.80 27.67 16.28
N PRO A 499 20.87 27.92 15.33
CA PRO A 499 20.91 27.28 14.01
C PRO A 499 22.22 27.57 13.28
N SER A 500 22.80 26.54 12.69
CA SER A 500 24.09 26.63 12.03
C SER A 500 23.97 27.21 10.63
N GLN A 501 22.80 27.08 10.04
CA GLN A 501 22.56 27.55 8.67
C GLN A 501 21.13 28.04 8.56
N TYR A 502 20.92 29.15 7.84
CA TYR A 502 19.58 29.74 7.66
C TYR A 502 19.26 29.76 6.20
N LEU A 503 18.02 29.40 5.86
CA LEU A 503 17.54 29.48 4.48
C LEU A 503 16.26 30.31 4.42
N ALA A 504 16.32 31.43 3.70
CA ALA A 504 15.13 32.26 3.51
C ALA A 504 14.27 31.73 2.36
N LEU A 505 13.00 31.45 2.65
CA LEU A 505 12.06 30.97 1.65
C LEU A 505 10.92 31.98 1.44
N PRO A 506 10.37 32.07 0.21
CA PRO A 506 9.22 32.96 -0.04
C PRO A 506 7.97 32.51 0.72
N GLU A 507 7.79 31.19 0.78
CA GLU A 507 6.76 30.55 1.59
C GLU A 507 7.31 29.21 2.06
N LEU A 508 6.81 28.68 3.17
CA LEU A 508 7.15 27.31 3.56
C LEU A 508 6.25 26.37 2.76
N PRO A 509 6.79 25.21 2.34
CA PRO A 509 5.96 24.19 1.68
C PRO A 509 4.92 23.65 2.63
N ARG A 510 3.76 23.26 2.09
CA ARG A 510 2.58 22.95 2.88
C ARG A 510 1.97 21.60 2.50
N THR A 511 1.73 20.74 3.50
CA THR A 511 0.86 19.57 3.32
C THR A 511 -0.59 20.07 3.22
N ILE A 512 -1.50 19.23 2.72
CA ILE A 512 -2.84 19.70 2.34
C ILE A 512 -3.69 20.20 3.52
N ASN A 513 -3.28 19.85 4.75
CA ASN A 513 -3.91 20.38 5.96
C ASN A 513 -3.42 21.77 6.34
N GLY A 514 -2.65 22.40 5.45
CA GLY A 514 -2.07 23.70 5.71
C GLY A 514 -0.89 23.81 6.69
N LYS A 515 -0.46 22.70 7.29
CA LYS A 515 0.75 22.75 8.12
C LYS A 515 2.04 22.79 7.29
N ALA A 516 3.11 23.28 7.92
CA ALA A 516 4.45 23.23 7.33
C ALA A 516 4.92 21.79 7.14
N ASP A 517 5.28 21.46 5.91
CA ASP A 517 5.78 20.12 5.59
C ASP A 517 7.27 20.11 5.90
N ARG A 518 7.63 19.44 6.99
CA ARG A 518 9.00 19.41 7.50
C ARG A 518 9.95 18.62 6.57
N ALA A 519 9.51 17.43 6.14
CA ALA A 519 10.27 16.63 5.17
C ALA A 519 10.49 17.37 3.84
N SER A 520 9.53 18.19 3.44
CA SER A 520 9.70 19.09 2.29
C SER A 520 10.66 20.26 2.50
N VAL A 521 10.86 20.67 3.73
CA VAL A 521 11.75 21.80 3.90
C VAL A 521 13.18 21.27 3.86
N ALA A 522 13.42 20.16 4.54
CA ALA A 522 14.72 19.51 4.53
C ALA A 522 15.19 19.15 3.12
N ARG A 523 14.28 18.75 2.25
CA ARG A 523 14.69 18.40 0.89
C ARG A 523 15.02 19.61 0.02
N ALA A 524 14.28 20.70 0.22
CA ALA A 524 14.51 21.92 -0.54
C ALA A 524 15.86 22.53 -0.14
N PHE A 525 16.12 22.47 1.17
CA PHE A 525 17.34 22.97 1.74
C PHE A 525 18.52 22.22 1.11
N ASP A 526 18.44 20.90 1.22
CA ASP A 526 19.49 20.03 0.71
C ASP A 526 19.83 20.30 -0.77
N GLU A 527 18.81 20.55 -1.59
CA GLU A 527 19.04 20.78 -3.02
C GLU A 527 19.58 22.18 -3.32
N ARG A 528 19.17 23.16 -2.52
CA ARG A 528 19.73 24.51 -2.66
C ARG A 528 21.18 24.63 -2.16
N ARG A 529 21.60 23.70 -1.31
CA ARG A 529 22.94 23.78 -0.74
C ARG A 529 24.03 23.40 -1.73
N PHE B 16 23.73 -29.94 3.84
CA PHE B 16 23.93 -28.52 3.55
C PHE B 16 23.13 -27.60 4.44
N GLY B 17 23.47 -26.34 4.48
CA GLY B 17 23.06 -25.45 5.53
C GLY B 17 21.65 -24.92 5.57
N ALA B 18 21.40 -24.06 6.52
CA ALA B 18 20.10 -23.55 6.76
C ALA B 18 19.84 -22.18 6.20
N THR B 19 20.78 -21.64 5.45
CA THR B 19 20.59 -20.40 4.72
C THR B 19 21.13 -20.53 3.32
N LEU B 20 20.63 -19.68 2.43
CA LEU B 20 21.15 -19.61 1.08
C LEU B 20 22.63 -19.28 1.08
N VAL B 21 23.03 -18.40 2.01
CA VAL B 21 24.42 -18.00 2.14
C VAL B 21 25.27 -19.25 2.39
N ASP B 22 24.75 -20.16 3.20
CA ASP B 22 25.51 -21.37 3.51
C ASP B 22 25.54 -22.36 2.36
N LEU B 23 24.41 -22.53 1.66
CA LEU B 23 24.38 -23.36 0.47
C LEU B 23 25.35 -22.83 -0.56
N PHE B 24 25.34 -21.52 -0.79
CA PHE B 24 26.30 -20.96 -1.74
C PHE B 24 27.74 -21.10 -1.21
N SER B 25 27.92 -20.89 0.08
CA SER B 25 29.25 -21.01 0.66
C SER B 25 29.83 -22.41 0.40
N ARG B 26 29.04 -23.44 0.68
CA ARG B 26 29.50 -24.82 0.50
C ARG B 26 29.87 -25.14 -0.95
N ALA B 27 29.01 -24.80 -1.89
CA ALA B 27 29.30 -25.05 -3.28
C ALA B 27 30.56 -24.32 -3.72
N ALA B 28 30.70 -23.07 -3.30
CA ALA B 28 31.88 -22.27 -3.63
C ALA B 28 33.16 -22.91 -3.10
N MET B 29 33.18 -23.27 -1.82
CA MET B 29 34.34 -23.91 -1.18
C MET B 29 34.75 -25.22 -1.86
N GLU B 30 33.79 -25.99 -2.33
CA GLU B 30 34.09 -27.30 -2.91
C GLU B 30 34.37 -27.23 -4.39
N MET B 31 33.74 -26.28 -5.07
CA MET B 31 33.84 -26.23 -6.51
C MET B 31 34.20 -24.84 -7.01
N PRO B 32 35.25 -24.23 -6.45
CA PRO B 32 35.55 -22.83 -6.76
C PRO B 32 35.85 -22.67 -8.24
N ASP B 33 36.32 -23.77 -8.82
CA ASP B 33 36.78 -23.80 -10.18
C ASP B 33 35.63 -23.88 -11.19
N ARG B 34 34.51 -24.50 -10.81
CA ARG B 34 33.40 -24.67 -11.74
C ARG B 34 32.79 -23.31 -12.13
N THR B 35 32.24 -23.24 -13.33
CA THR B 35 31.58 -22.03 -13.77
C THR B 35 30.24 -21.79 -13.08
N ALA B 36 30.14 -20.71 -12.31
CA ALA B 36 28.87 -20.37 -11.70
C ALA B 36 27.95 -19.66 -12.72
N LEU B 37 28.52 -18.69 -13.44
CA LEU B 37 27.72 -17.86 -14.33
C LEU B 37 28.18 -17.88 -15.76
N HIS B 38 27.19 -17.95 -16.66
CA HIS B 38 27.42 -17.94 -18.09
C HIS B 38 26.52 -16.86 -18.71
N ILE B 39 27.11 -15.70 -19.00
CA ILE B 39 26.38 -14.58 -19.62
C ILE B 39 26.95 -14.33 -21.02
N ASP B 40 26.26 -14.84 -22.04
CA ASP B 40 26.79 -14.91 -23.40
C ASP B 40 28.12 -15.66 -23.38
N ASP B 41 29.21 -15.00 -23.76
CA ASP B 41 30.55 -15.60 -23.71
C ASP B 41 31.34 -15.10 -22.50
N GLU B 42 30.62 -14.64 -21.49
CA GLU B 42 31.26 -14.27 -20.24
C GLU B 42 30.99 -15.39 -19.23
N LYS B 43 32.05 -15.94 -18.66
CA LYS B 43 31.85 -16.92 -17.61
C LYS B 43 32.62 -16.54 -16.35
N ILE B 44 31.97 -16.75 -15.22
CA ILE B 44 32.49 -16.33 -13.94
C ILE B 44 32.56 -17.57 -13.06
N SER B 45 33.67 -17.75 -12.37
CA SER B 45 33.84 -18.93 -11.53
C SER B 45 33.15 -18.75 -10.19
N TYR B 46 32.77 -19.88 -9.60
CA TYR B 46 32.26 -19.90 -8.23
C TYR B 46 33.17 -19.15 -7.24
N GLY B 47 34.48 -19.27 -7.42
CA GLY B 47 35.43 -18.65 -6.50
C GLY B 47 35.40 -17.14 -6.63
N LEU B 48 35.51 -16.68 -7.89
CA LEU B 48 35.31 -15.27 -8.20
C LEU B 48 33.97 -14.73 -7.67
N LEU B 49 32.87 -15.43 -7.96
CA LEU B 49 31.54 -14.97 -7.52
C LEU B 49 31.48 -14.73 -6.01
N HIS B 50 31.98 -15.72 -5.26
CA HIS B 50 32.02 -15.65 -3.80
C HIS B 50 32.84 -14.45 -3.32
N SER B 51 34.02 -14.27 -3.89
CA SER B 51 34.90 -13.20 -3.45
C SER B 51 34.30 -11.84 -3.78
N TRP B 52 33.65 -11.79 -4.94
CA TRP B 52 32.87 -10.62 -5.37
C TRP B 52 31.66 -10.33 -4.46
N ALA B 53 30.83 -11.35 -4.22
CA ALA B 53 29.68 -11.22 -3.35
C ALA B 53 30.09 -10.83 -1.92
N GLU B 54 31.14 -11.44 -1.38
CA GLU B 54 31.64 -11.05 -0.06
C GLU B 54 32.12 -9.59 -0.04
N GLY B 55 32.66 -9.13 -1.16
CA GLY B 55 33.08 -7.75 -1.27
C GLY B 55 31.90 -6.81 -1.22
N LEU B 56 30.79 -7.25 -1.83
CA LEU B 56 29.58 -6.45 -1.90
C LEU B 56 28.87 -6.34 -0.55
N ALA B 57 28.80 -7.44 0.20
CA ALA B 57 28.21 -7.39 1.53
C ALA B 57 28.93 -6.36 2.38
N ASP B 58 30.26 -6.41 2.28
CA ASP B 58 31.16 -5.47 2.94
C ASP B 58 30.70 -4.02 2.69
N LEU B 59 30.58 -3.71 1.40
CA LEU B 59 30.19 -2.38 0.92
C LEU B 59 28.82 -1.94 1.42
N LEU B 60 27.87 -2.87 1.39
CA LEU B 60 26.50 -2.59 1.83
C LEU B 60 26.47 -2.23 3.29
N HIS B 61 27.32 -2.91 4.05
CA HIS B 61 27.45 -2.65 5.47
C HIS B 61 28.10 -1.29 5.75
N ASP B 62 29.22 -1.01 5.08
CA ASP B 62 29.85 0.31 5.18
C ASP B 62 28.77 1.36 4.92
N ALA B 63 27.94 1.11 3.92
CA ALA B 63 26.83 2.00 3.58
C ALA B 63 25.66 1.89 4.58
N GLY B 64 25.80 1.02 5.57
CA GLY B 64 24.87 1.01 6.69
C GLY B 64 23.81 -0.07 6.68
N VAL B 65 23.92 -1.04 5.78
CA VAL B 65 22.98 -2.16 5.78
C VAL B 65 23.25 -3.13 6.94
N ARG B 66 22.23 -3.37 7.76
CA ARG B 66 22.39 -4.29 8.88
C ARG B 66 21.51 -5.53 8.68
N LYS B 67 21.79 -6.58 9.47
CA LYS B 67 21.02 -7.82 9.42
C LYS B 67 19.54 -7.54 9.59
N GLY B 68 18.72 -8.21 8.79
CA GLY B 68 17.28 -8.01 8.86
C GLY B 68 16.74 -6.87 8.03
N ASP B 69 17.63 -6.10 7.40
CA ASP B 69 17.20 -4.98 6.56
C ASP B 69 16.72 -5.47 5.19
N ARG B 70 16.11 -4.56 4.44
CA ARG B 70 15.58 -4.91 3.12
C ARG B 70 16.23 -4.04 2.05
N VAL B 71 16.87 -4.68 1.07
CA VAL B 71 17.50 -3.95 -0.01
C VAL B 71 16.78 -4.16 -1.32
N ALA B 72 16.40 -3.09 -2.00
CA ALA B 72 15.82 -3.20 -3.32
C ALA B 72 16.89 -3.63 -4.31
N LEU B 73 16.54 -4.56 -5.19
CA LEU B 73 17.40 -4.93 -6.30
C LEU B 73 16.68 -4.63 -7.61
N ARG B 74 17.32 -3.82 -8.45
CA ARG B 74 16.69 -3.36 -9.67
C ARG B 74 17.74 -3.29 -10.78
N MET B 75 17.84 -4.38 -11.53
CA MET B 75 18.95 -4.58 -12.44
C MET B 75 18.54 -5.48 -13.59
N PRO B 76 19.05 -5.22 -14.80
CA PRO B 76 18.82 -6.23 -15.84
C PRO B 76 19.44 -7.59 -15.45
N PRO B 77 18.82 -8.70 -15.85
CA PRO B 77 19.40 -10.00 -15.52
C PRO B 77 20.82 -10.14 -16.08
N GLY B 78 21.78 -10.49 -15.23
CA GLY B 78 23.17 -10.58 -15.62
C GLY B 78 24.08 -10.73 -14.41
N ALA B 79 25.39 -10.77 -14.66
CA ALA B 79 26.37 -10.99 -13.61
C ALA B 79 26.22 -10.03 -12.42
N ASN B 80 26.08 -8.74 -12.71
CA ASN B 80 25.92 -7.73 -11.66
C ASN B 80 24.72 -8.03 -10.76
N ALA B 81 23.58 -8.38 -11.34
CA ALA B 81 22.39 -8.70 -10.56
C ALA B 81 22.57 -9.91 -9.64
N ILE B 82 23.13 -11.00 -10.16
CA ILE B 82 23.34 -12.17 -9.30
C ILE B 82 24.28 -11.84 -8.13
N ALA B 83 25.39 -11.17 -8.41
CA ALA B 83 26.35 -10.83 -7.37
C ALA B 83 25.71 -9.87 -6.37
N ALA B 84 25.03 -8.85 -6.88
CA ALA B 84 24.24 -7.98 -6.01
C ALA B 84 23.36 -8.78 -5.07
N MET B 85 22.57 -9.70 -5.62
CA MET B 85 21.68 -10.51 -4.77
C MET B 85 22.48 -11.29 -3.73
N LEU B 86 23.57 -11.92 -4.15
CA LEU B 86 24.42 -12.65 -3.23
C LEU B 86 24.98 -11.72 -2.16
N GLY B 87 25.55 -10.60 -2.58
CA GLY B 87 25.99 -9.58 -1.65
C GLY B 87 24.93 -9.15 -0.63
N ILE B 88 23.72 -8.89 -1.10
CA ILE B 88 22.67 -8.47 -0.17
C ILE B 88 22.38 -9.57 0.82
N LEU B 89 22.39 -10.82 0.37
CA LEU B 89 22.10 -11.93 1.26
C LEU B 89 23.23 -12.15 2.24
N ARG B 90 24.46 -12.04 1.74
CA ARG B 90 25.61 -12.22 2.60
C ARG B 90 25.63 -11.14 3.68
N ALA B 91 25.00 -9.99 3.41
CA ALA B 91 24.96 -8.91 4.38
C ALA B 91 23.85 -9.06 5.43
N GLY B 92 23.10 -10.16 5.38
CA GLY B 92 22.04 -10.39 6.35
C GLY B 92 20.72 -9.68 6.05
N ALA B 93 20.67 -9.05 4.88
CA ALA B 93 19.48 -8.36 4.42
C ALA B 93 18.61 -9.25 3.53
N ALA B 94 17.37 -8.82 3.31
CA ALA B 94 16.51 -9.45 2.33
C ALA B 94 16.47 -8.61 1.07
N TYR B 95 16.55 -9.27 -0.09
CA TYR B 95 16.47 -8.51 -1.32
C TYR B 95 15.04 -8.42 -1.81
N VAL B 96 14.75 -7.27 -2.37
CA VAL B 96 13.42 -6.92 -2.81
C VAL B 96 13.56 -6.55 -4.28
N PRO B 97 13.23 -7.51 -5.16
CA PRO B 97 13.49 -7.38 -6.61
C PRO B 97 12.49 -6.56 -7.40
N LEU B 98 13.03 -5.62 -8.18
CA LEU B 98 12.24 -4.75 -9.05
C LEU B 98 12.50 -5.06 -10.52
N ASP B 99 11.49 -5.59 -11.20
CA ASP B 99 11.63 -5.84 -12.61
C ASP B 99 11.85 -4.50 -13.28
N ILE B 100 12.97 -4.37 -13.99
CA ILE B 100 13.33 -3.13 -14.71
C ILE B 100 12.25 -2.63 -15.67
N ARG B 101 11.52 -3.55 -16.28
CA ARG B 101 10.54 -3.20 -17.30
C ARG B 101 9.19 -2.77 -16.71
N ASN B 102 9.00 -3.02 -15.41
CA ASN B 102 7.80 -2.60 -14.67
C ASN B 102 7.47 -1.11 -14.80
N PRO B 103 6.19 -0.74 -14.62
CA PRO B 103 5.80 0.66 -14.56
C PRO B 103 6.28 1.33 -13.27
N PRO B 104 6.65 2.62 -13.33
CA PRO B 104 7.16 3.38 -12.19
C PRO B 104 6.28 3.38 -10.94
N ALA B 105 4.97 3.47 -11.11
CA ALA B 105 4.09 3.49 -9.93
C ALA B 105 4.09 2.15 -9.21
N ARG B 106 4.30 1.08 -9.96
CA ARG B 106 4.37 -0.26 -9.39
C ARG B 106 5.63 -0.38 -8.53
N ASN B 107 6.77 -0.07 -9.12
CA ASN B 107 8.01 -0.05 -8.38
C ASN B 107 7.99 0.94 -7.22
N ALA B 108 7.37 2.09 -7.43
CA ALA B 108 7.22 3.06 -6.35
C ALA B 108 6.47 2.43 -5.20
N PHE B 109 5.40 1.70 -5.52
CA PHE B 109 4.60 1.08 -4.48
C PHE B 109 5.40 0.09 -3.67
N ILE B 110 6.13 -0.77 -4.39
CA ILE B 110 6.94 -1.81 -3.77
C ILE B 110 7.99 -1.22 -2.85
N VAL B 111 8.68 -0.20 -3.33
CA VAL B 111 9.71 0.42 -2.53
C VAL B 111 9.13 1.04 -1.27
N THR B 112 7.95 1.64 -1.39
CA THR B 112 7.31 2.28 -0.24
C THR B 112 6.74 1.26 0.76
N ASP B 113 6.03 0.26 0.23
CA ASP B 113 5.36 -0.75 1.05
C ASP B 113 6.39 -1.55 1.81
N SER B 114 7.56 -1.72 1.21
CA SER B 114 8.58 -2.61 1.74
C SER B 114 9.69 -1.88 2.49
N GLN B 115 9.68 -0.55 2.46
CA GLN B 115 10.61 0.27 3.24
C GLN B 115 12.06 -0.19 3.14
N VAL B 116 12.53 -0.41 1.93
CA VAL B 116 13.93 -0.75 1.74
C VAL B 116 14.84 0.40 2.21
N VAL B 117 15.97 0.07 2.85
CA VAL B 117 16.92 1.10 3.29
C VAL B 117 17.95 1.45 2.21
N ALA B 118 18.00 0.63 1.15
CA ALA B 118 18.89 0.89 0.05
C ALA B 118 18.32 0.31 -1.22
N LEU B 119 18.78 0.84 -2.35
CA LEU B 119 18.46 0.31 -3.65
C LEU B 119 19.76 0.01 -4.37
N VAL B 120 19.93 -1.23 -4.82
CA VAL B 120 21.11 -1.58 -5.62
C VAL B 120 20.76 -1.67 -7.11
N GLY B 121 21.50 -0.91 -7.92
CA GLY B 121 21.28 -0.90 -9.35
C GLY B 121 20.79 0.43 -9.90
N ASP B 122 20.46 0.45 -11.19
CA ASP B 122 19.98 1.68 -11.83
C ASP B 122 18.63 2.16 -11.27
N PRO B 123 18.49 3.50 -11.11
CA PRO B 123 17.27 4.12 -10.60
C PRO B 123 16.33 4.56 -11.71
N THR B 130 14.97 8.55 -2.67
CA THR B 130 15.82 9.48 -1.90
C THR B 130 16.92 8.76 -1.11
N GLY B 131 16.70 7.47 -0.81
CA GLY B 131 17.62 6.73 0.04
C GLY B 131 18.96 6.40 -0.59
N PRO B 132 19.84 5.76 0.19
CA PRO B 132 21.18 5.35 -0.28
C PRO B 132 21.12 4.56 -1.58
N LEU B 133 22.17 4.70 -2.39
CA LEU B 133 22.24 4.06 -3.69
C LEU B 133 23.60 3.37 -3.90
N VAL B 134 23.56 2.18 -4.49
CA VAL B 134 24.77 1.49 -4.90
C VAL B 134 24.58 1.16 -6.35
N THR B 135 25.31 1.84 -7.23
CA THR B 135 25.10 1.68 -8.66
C THR B 135 25.60 0.34 -9.17
N GLU B 136 25.20 0.03 -10.40
CA GLU B 136 25.65 -1.17 -11.07
C GLU B 136 27.14 -1.08 -11.34
N GLU B 137 27.57 0.14 -11.68
CA GLU B 137 28.98 0.45 -11.87
C GLU B 137 29.77 0.18 -10.57
N ASN B 138 29.19 0.58 -9.44
CA ASN B 138 29.75 0.27 -8.14
C ASN B 138 29.87 -1.25 -7.94
N VAL B 139 28.88 -1.98 -8.44
CA VAL B 139 28.86 -3.43 -8.26
C VAL B 139 29.92 -4.07 -9.13
N ALA B 140 29.97 -3.67 -10.40
CA ALA B 140 30.94 -4.22 -11.35
C ALA B 140 32.36 -3.97 -10.90
N ALA B 141 32.57 -2.92 -10.11
CA ALA B 141 33.92 -2.51 -9.74
C ALA B 141 34.52 -3.38 -8.63
N LEU B 142 33.69 -4.11 -7.88
CA LEU B 142 34.21 -4.99 -6.84
C LEU B 142 34.58 -6.37 -7.39
N ARG B 143 34.32 -6.55 -8.67
CA ARG B 143 34.52 -7.82 -9.37
C ARG B 143 35.90 -8.45 -9.31
N ASP B 144 36.94 -7.63 -9.39
CA ASP B 144 38.30 -8.13 -9.53
C ASP B 144 39.10 -7.75 -8.30
N ARG B 145 38.41 -7.15 -7.34
CA ARG B 145 39.00 -6.80 -6.05
C ARG B 145 39.13 -8.08 -5.24
N GLU B 146 39.66 -7.96 -4.03
CA GLU B 146 40.16 -9.13 -3.30
C GLU B 146 39.47 -9.33 -1.96
N GLY B 152 33.37 -9.45 5.94
CA GLY B 152 32.60 -10.28 6.86
C GLY B 152 31.67 -9.58 7.87
N PRO B 153 30.54 -9.02 7.40
CA PRO B 153 29.49 -8.64 8.36
C PRO B 153 28.78 -9.87 8.88
N GLU B 154 27.84 -9.70 9.80
CA GLU B 154 27.13 -10.79 10.43
C GLU B 154 26.30 -11.61 9.42
N ARG B 155 26.36 -12.94 9.55
CA ARG B 155 25.63 -13.87 8.67
C ARG B 155 24.17 -14.02 9.07
N PRO B 156 23.29 -14.22 8.08
CA PRO B 156 21.87 -14.48 8.38
C PRO B 156 21.68 -15.85 9.00
N GLY B 157 20.60 -16.05 9.73
CA GLY B 157 20.18 -17.38 10.13
C GLY B 157 18.92 -17.76 9.37
N PRO B 158 18.44 -19.00 9.54
CA PRO B 158 17.29 -19.49 8.78
C PRO B 158 15.99 -18.75 9.08
N GLN B 159 15.91 -18.03 10.19
CA GLN B 159 14.69 -17.28 10.48
C GLN B 159 14.72 -15.87 9.91
N ASP B 160 15.88 -15.42 9.44
CA ASP B 160 15.92 -14.15 8.74
C ASP B 160 15.35 -14.24 7.32
N VAL B 161 14.76 -13.13 6.88
CA VAL B 161 14.14 -13.02 5.59
C VAL B 161 15.20 -12.98 4.49
N ALA B 162 14.96 -13.76 3.44
CA ALA B 162 15.90 -13.84 2.35
C ALA B 162 15.40 -12.96 1.21
N TYR B 163 14.10 -12.98 1.00
CA TYR B 163 13.56 -12.08 0.01
C TYR B 163 12.09 -11.70 0.26
N ILE B 164 11.70 -10.61 -0.35
CA ILE B 164 10.31 -10.25 -0.42
C ILE B 164 9.89 -10.22 -1.87
N ILE B 165 8.97 -11.07 -2.22
CA ILE B 165 8.45 -11.07 -3.58
C ILE B 165 6.96 -10.85 -3.54
N TYR B 166 6.44 -10.09 -4.51
CA TYR B 166 5.05 -9.66 -4.48
C TYR B 166 4.16 -10.52 -5.36
N THR B 167 2.95 -10.78 -4.86
CA THR B 167 1.94 -11.59 -5.53
C THR B 167 0.57 -10.87 -5.54
N SER B 168 -0.30 -11.23 -6.49
CA SER B 168 -1.63 -10.62 -6.60
C SER B 168 -2.75 -11.60 -6.27
N GLY B 169 -3.67 -11.17 -5.42
CA GLY B 169 -4.92 -11.88 -5.20
C GLY B 169 -5.92 -11.07 -5.98
N THR B 170 -6.92 -11.72 -6.55
CA THR B 170 -7.65 -11.07 -7.65
C THR B 170 -8.74 -10.03 -7.25
N THR B 171 -8.62 -9.41 -6.06
CA THR B 171 -9.10 -8.03 -5.74
C THR B 171 -8.20 -7.44 -4.63
N GLY B 172 -8.02 -6.10 -4.63
CA GLY B 172 -7.10 -5.42 -3.72
C GLY B 172 -5.70 -6.03 -3.78
N ARG B 173 -5.19 -6.14 -5.01
CA ARG B 173 -4.31 -7.25 -5.39
C ARG B 173 -2.88 -7.35 -4.80
N PRO B 174 -2.00 -6.36 -5.04
CA PRO B 174 -0.59 -6.67 -4.85
C PRO B 174 -0.22 -6.76 -3.37
N LYS B 175 0.55 -7.77 -2.96
CA LYS B 175 0.96 -7.89 -1.56
CA LYS B 175 0.96 -7.89 -1.56
C LYS B 175 2.27 -8.66 -1.38
N GLY B 176 3.07 -8.20 -0.41
CA GLY B 176 4.38 -8.77 -0.17
C GLY B 176 4.37 -10.11 0.53
N VAL B 177 5.17 -11.06 0.03
CA VAL B 177 5.42 -12.32 0.73
C VAL B 177 6.89 -12.45 1.10
N PRO B 178 7.21 -12.21 2.38
CA PRO B 178 8.58 -12.36 2.90
C PRO B 178 8.96 -13.83 3.08
N VAL B 179 9.89 -14.32 2.26
CA VAL B 179 10.31 -15.70 2.37
C VAL B 179 11.65 -15.79 3.12
N ARG B 180 11.73 -16.70 4.07
CA ARG B 180 12.91 -16.83 4.91
C ARG B 180 13.87 -17.86 4.37
N HIS B 181 15.12 -17.71 4.76
CA HIS B 181 16.18 -18.65 4.40
C HIS B 181 15.71 -20.08 4.62
N GLY B 182 15.22 -20.35 5.84
CA GLY B 182 14.67 -21.64 6.19
C GLY B 182 13.59 -22.16 5.24
N ASN B 183 12.63 -21.30 4.90
CA ASN B 183 11.63 -21.66 3.88
C ASN B 183 12.31 -22.22 2.61
N VAL B 184 13.28 -21.48 2.09
CA VAL B 184 13.89 -21.85 0.82
C VAL B 184 14.78 -23.10 0.90
N THR B 185 15.66 -23.20 1.90
CA THR B 185 16.49 -24.39 2.05
C THR B 185 15.60 -25.60 2.28
N ALA B 186 14.45 -25.39 2.90
CA ALA B 186 13.52 -26.49 3.08
C ALA B 186 13.04 -26.92 1.70
N LEU B 187 12.77 -25.95 0.82
CA LEU B 187 12.38 -26.29 -0.54
C LEU B 187 13.41 -27.18 -1.25
N PHE B 188 14.69 -26.86 -1.12
CA PHE B 188 15.72 -27.62 -1.84
C PHE B 188 16.03 -28.98 -1.18
N GLU B 189 15.88 -29.10 0.14
CA GLU B 189 15.90 -30.42 0.79
C GLU B 189 14.77 -31.30 0.30
N ALA B 190 13.56 -30.74 0.21
CA ALA B 190 12.40 -31.50 -0.26
C ALA B 190 12.59 -32.05 -1.66
N CYS B 191 13.25 -31.29 -2.53
CA CYS B 191 13.40 -31.72 -3.91
C CYS B 191 14.63 -32.59 -4.10
N SER B 192 15.26 -33.00 -3.00
CA SER B 192 16.58 -33.63 -3.09
C SER B 192 16.48 -35.09 -3.53
N ARG B 193 15.35 -35.73 -3.22
CA ARG B 193 15.10 -37.09 -3.69
C ARG B 193 14.24 -37.14 -4.95
N LEU B 194 13.43 -36.10 -5.13
CA LEU B 194 12.59 -36.02 -6.31
C LEU B 194 13.40 -35.83 -7.58
N PHE B 195 14.43 -34.99 -7.52
CA PHE B 195 15.23 -34.70 -8.69
C PHE B 195 16.60 -35.32 -8.52
N SER B 196 17.24 -35.58 -9.64
CA SER B 196 18.63 -36.01 -9.73
C SER B 196 19.53 -34.88 -10.27
N PHE B 197 19.97 -34.02 -9.38
CA PHE B 197 20.71 -32.82 -9.76
C PHE B 197 22.20 -33.05 -9.50
N SER B 198 23.05 -32.49 -10.34
CA SER B 198 24.49 -32.57 -10.06
C SER B 198 25.21 -31.31 -10.49
N ALA B 199 26.50 -31.26 -10.17
CA ALA B 199 27.35 -30.13 -10.53
C ALA B 199 27.41 -29.96 -12.05
N ASP B 200 27.21 -31.05 -12.79
CA ASP B 200 27.30 -31.01 -14.26
C ASP B 200 26.11 -30.31 -14.91
N ASP B 201 25.06 -30.03 -14.15
CA ASP B 201 23.87 -29.46 -14.76
C ASP B 201 24.08 -28.00 -15.20
N ARG B 202 23.27 -27.58 -16.17
CA ARG B 202 23.18 -26.18 -16.54
C ARG B 202 21.74 -25.76 -16.49
N TRP B 203 21.52 -24.66 -15.75
CA TRP B 203 20.21 -24.12 -15.47
C TRP B 203 20.06 -22.86 -16.29
N LEU B 204 18.91 -22.68 -16.92
CA LEU B 204 18.66 -21.43 -17.62
C LEU B 204 17.94 -20.44 -16.66
N LEU B 205 18.47 -19.23 -16.54
CA LEU B 205 17.69 -18.21 -15.88
C LEU B 205 16.70 -17.62 -16.91
N PHE B 206 15.52 -18.24 -17.03
CA PHE B 206 14.48 -17.76 -17.94
C PHE B 206 13.49 -16.73 -17.33
N HIS B 207 13.28 -16.81 -16.03
CA HIS B 207 12.22 -16.01 -15.43
C HIS B 207 12.75 -14.74 -14.77
N SER B 208 11.90 -13.73 -14.76
CA SER B 208 12.20 -12.45 -14.11
C SER B 208 12.59 -12.67 -12.65
N MET B 209 13.58 -11.92 -12.20
CA MET B 209 14.03 -12.05 -10.84
C MET B 209 13.00 -11.50 -9.83
N ALA B 210 12.00 -10.77 -10.33
CA ALA B 210 10.88 -10.35 -9.50
C ALA B 210 9.76 -11.43 -9.38
N PHE B 211 9.87 -12.53 -10.14
CA PHE B 211 9.02 -13.72 -9.98
C PHE B 211 9.75 -14.81 -9.17
N ASP B 212 9.04 -15.59 -8.34
CA ASP B 212 9.78 -16.51 -7.48
C ASP B 212 10.27 -17.78 -8.22
N PHE B 213 9.78 -18.01 -9.44
CA PHE B 213 10.28 -19.11 -10.25
C PHE B 213 11.80 -18.90 -10.44
N SER B 214 12.25 -17.65 -10.48
CA SER B 214 13.68 -17.34 -10.63
C SER B 214 14.56 -17.74 -9.42
N VAL B 215 13.96 -17.67 -8.23
CA VAL B 215 14.59 -18.11 -6.99
C VAL B 215 14.99 -19.59 -7.14
N TRP B 216 14.11 -20.36 -7.77
CA TRP B 216 14.33 -21.78 -8.00
C TRP B 216 15.38 -22.02 -9.07
N GLU B 217 15.31 -21.26 -10.16
CA GLU B 217 16.33 -21.34 -11.19
C GLU B 217 17.74 -20.96 -10.65
N ILE B 218 17.85 -19.79 -10.04
CA ILE B 218 19.13 -19.31 -9.53
C ILE B 218 19.73 -20.31 -8.52
N TRP B 219 18.94 -20.68 -7.52
CA TRP B 219 19.44 -21.55 -6.47
C TRP B 219 19.52 -23.05 -6.82
N GLY B 220 18.77 -23.50 -7.82
CA GLY B 220 18.98 -24.84 -8.36
C GLY B 220 20.42 -25.07 -8.88
N ALA B 221 20.90 -24.12 -9.66
CA ALA B 221 22.29 -24.05 -10.05
C ALA B 221 23.26 -23.79 -8.88
N LEU B 222 23.05 -22.69 -8.16
CA LEU B 222 24.04 -22.18 -7.22
C LEU B 222 24.20 -22.99 -5.93
N SER B 223 23.22 -23.81 -5.61
CA SER B 223 23.32 -24.72 -4.47
C SER B 223 23.99 -26.04 -4.82
N THR B 224 24.20 -26.31 -6.11
CA THR B 224 24.74 -27.61 -6.55
C THR B 224 26.08 -27.53 -7.29
N GLY B 225 26.62 -26.32 -7.43
CA GLY B 225 27.87 -26.17 -8.18
C GLY B 225 27.63 -26.20 -9.67
N ALA B 226 26.37 -26.20 -10.07
CA ALA B 226 25.99 -26.17 -11.49
C ALA B 226 26.10 -24.77 -12.06
N GLU B 227 25.97 -24.65 -13.37
CA GLU B 227 26.15 -23.38 -14.06
C GLU B 227 24.82 -22.71 -14.36
N LEU B 228 24.72 -21.46 -13.97
CA LEU B 228 23.51 -20.70 -14.23
C LEU B 228 23.69 -19.90 -15.52
N VAL B 229 22.91 -20.24 -16.54
CA VAL B 229 22.96 -19.55 -17.83
C VAL B 229 21.92 -18.41 -17.91
N VAL B 230 22.40 -17.16 -17.95
CA VAL B 230 21.51 -15.99 -17.95
C VAL B 230 21.02 -15.65 -19.36
N LEU B 231 19.75 -15.27 -19.45
CA LEU B 231 19.17 -14.73 -20.69
C LEU B 231 19.09 -13.22 -20.53
N PRO B 232 19.94 -12.47 -21.24
CA PRO B 232 19.81 -11.02 -21.02
C PRO B 232 18.52 -10.44 -21.64
N THR B 235 18.49 -12.46 -25.55
CA THR B 235 17.96 -13.51 -26.42
C THR B 235 16.61 -13.96 -25.85
N ALA B 236 16.02 -13.11 -25.02
CA ALA B 236 15.06 -13.54 -24.00
C ALA B 236 13.60 -13.73 -24.42
N ARG B 237 13.12 -12.95 -25.39
CA ARG B 237 11.66 -12.88 -25.60
C ARG B 237 11.08 -13.70 -26.77
N THR B 238 11.95 -14.22 -27.63
CA THR B 238 11.53 -14.91 -28.84
C THR B 238 11.82 -16.41 -28.79
N PRO B 239 10.78 -17.25 -29.00
CA PRO B 239 10.84 -18.72 -28.97
C PRO B 239 12.02 -19.31 -29.74
N VAL B 240 12.18 -18.91 -31.01
CA VAL B 240 13.26 -19.42 -31.84
C VAL B 240 14.62 -19.20 -31.19
N GLU B 241 14.84 -18.01 -30.64
CA GLU B 241 16.12 -17.66 -30.07
C GLU B 241 16.35 -18.19 -28.66
N THR B 242 15.27 -18.44 -27.91
CA THR B 242 15.42 -19.15 -26.63
C THR B 242 15.61 -20.64 -26.92
N ALA B 243 14.90 -21.15 -27.92
CA ALA B 243 15.09 -22.53 -28.38
C ALA B 243 16.53 -22.79 -28.81
N ARG B 244 17.16 -21.81 -29.46
CA ARG B 244 18.54 -21.92 -29.91
C ARG B 244 19.57 -21.67 -28.80
N VAL B 245 19.16 -20.96 -27.76
CA VAL B 245 20.00 -20.84 -26.58
C VAL B 245 19.99 -22.14 -25.81
N VAL B 246 18.81 -22.77 -25.71
CA VAL B 246 18.67 -24.01 -24.97
C VAL B 246 19.56 -25.12 -25.54
N ARG B 247 19.57 -25.20 -26.87
CA ARG B 247 20.46 -26.10 -27.61
C ARG B 247 21.91 -25.68 -27.45
N ASP B 248 22.23 -24.45 -27.84
CA ASP B 248 23.64 -24.05 -27.93
C ASP B 248 24.39 -23.90 -26.61
N ARG B 249 23.68 -23.76 -25.49
CA ARG B 249 24.43 -23.68 -24.24
C ARG B 249 24.29 -24.95 -23.42
N GLY B 250 23.65 -25.96 -23.99
CA GLY B 250 23.60 -27.27 -23.36
C GLY B 250 22.78 -27.33 -22.09
N ILE B 251 21.73 -26.51 -22.01
CA ILE B 251 20.82 -26.55 -20.89
C ILE B 251 20.33 -27.98 -20.61
N THR B 252 20.58 -28.42 -19.37
CA THR B 252 20.08 -29.70 -18.88
C THR B 252 18.81 -29.54 -18.03
N VAL B 253 18.59 -28.36 -17.43
CA VAL B 253 17.39 -28.11 -16.62
C VAL B 253 16.65 -26.85 -17.04
N LEU B 254 15.50 -27.02 -17.70
CA LEU B 254 14.70 -25.89 -18.19
C LEU B 254 13.39 -25.72 -17.40
N ASN B 255 13.08 -24.48 -17.07
CA ASN B 255 11.86 -24.17 -16.34
C ASN B 255 10.92 -23.31 -17.17
N GLN B 256 9.66 -23.72 -17.26
CA GLN B 256 8.65 -23.03 -18.10
C GLN B 256 7.28 -22.93 -17.44
N THR B 257 6.54 -21.87 -17.77
CA THR B 257 5.09 -21.91 -17.60
C THR B 257 4.49 -22.64 -18.79
N PRO B 258 3.39 -23.37 -18.58
CA PRO B 258 2.70 -24.10 -19.65
C PRO B 258 2.54 -23.30 -20.96
N THR B 259 2.11 -22.04 -20.85
CA THR B 259 2.00 -21.14 -22.00
C THR B 259 3.33 -20.91 -22.75
N ALA B 260 4.44 -20.79 -22.02
CA ALA B 260 5.71 -20.50 -22.68
C ALA B 260 6.22 -21.76 -23.40
N PHE B 261 5.90 -22.91 -22.81
CA PHE B 261 6.29 -24.19 -23.38
C PHE B 261 5.60 -24.43 -24.71
N GLY B 262 4.38 -23.90 -24.86
CA GLY B 262 3.65 -24.02 -26.11
C GLY B 262 4.45 -23.42 -27.23
N ALA B 263 4.84 -22.16 -27.05
CA ALA B 263 5.59 -21.42 -28.05
C ALA B 263 6.97 -22.01 -28.27
N LEU B 264 7.57 -22.48 -27.18
CA LEU B 264 8.89 -23.09 -27.25
C LEU B 264 8.89 -24.35 -28.14
N THR B 265 7.90 -25.20 -27.93
CA THR B 265 7.77 -26.43 -28.70
C THR B 265 7.72 -26.13 -30.21
N THR B 266 6.77 -25.28 -30.59
CA THR B 266 6.56 -24.94 -31.99
C THR B 266 7.86 -24.48 -32.63
N ALA B 267 8.65 -23.69 -31.91
CA ALA B 267 9.96 -23.28 -32.42
C ALA B 267 10.90 -24.47 -32.52
N VAL B 268 10.81 -25.42 -31.58
CA VAL B 268 11.66 -26.60 -31.62
C VAL B 268 11.11 -27.65 -32.58
N LEU B 269 9.86 -28.07 -32.36
CA LEU B 269 9.22 -29.03 -33.28
C LEU B 269 9.16 -28.53 -34.70
N GLY B 270 8.57 -27.35 -34.89
CA GLY B 270 8.47 -26.75 -36.20
C GLY B 270 9.81 -26.70 -36.91
N GLU B 271 10.87 -26.36 -36.18
CA GLU B 271 12.23 -26.26 -36.72
C GLU B 271 12.98 -27.58 -36.46
N GLY B 272 12.26 -28.56 -35.90
CA GLY B 272 12.76 -29.91 -35.69
C GLY B 272 14.10 -30.05 -34.98
N ILE B 273 14.36 -29.18 -34.00
CA ILE B 273 15.65 -29.14 -33.31
C ILE B 273 15.80 -30.29 -32.29
N ASP B 274 17.06 -30.61 -32.00
CA ASP B 274 17.39 -31.71 -31.12
C ASP B 274 18.05 -31.24 -29.83
N LEU B 275 17.61 -31.78 -28.70
CA LEU B 275 18.17 -31.44 -27.39
C LEU B 275 18.54 -32.70 -26.59
N PRO B 276 19.65 -33.34 -26.97
CA PRO B 276 20.04 -34.60 -26.34
C PRO B 276 20.50 -34.43 -24.89
N GLU B 277 20.86 -33.21 -24.51
CA GLU B 277 21.34 -32.95 -23.16
C GLU B 277 20.29 -32.46 -22.16
N LEU B 278 19.10 -32.15 -22.66
CA LEU B 278 18.03 -31.68 -21.80
C LEU B 278 17.55 -32.80 -20.87
N ARG B 279 17.71 -32.62 -19.57
CA ARG B 279 17.47 -33.71 -18.63
C ARG B 279 16.15 -33.51 -17.91
N TYR B 280 15.72 -32.25 -17.82
CA TYR B 280 14.49 -31.90 -17.12
C TYR B 280 13.82 -30.68 -17.73
N VAL B 281 12.53 -30.81 -18.03
CA VAL B 281 11.67 -29.63 -18.22
C VAL B 281 10.71 -29.57 -17.02
N VAL B 282 10.72 -28.46 -16.30
CA VAL B 282 9.89 -28.31 -15.11
C VAL B 282 8.82 -27.23 -15.33
N PHE B 283 7.55 -27.59 -15.13
CA PHE B 283 6.40 -26.70 -15.34
C PHE B 283 5.86 -26.14 -14.03
N GLY B 284 5.62 -24.84 -13.95
CA GLY B 284 4.93 -24.26 -12.80
C GLY B 284 4.14 -23.01 -13.15
N GLY B 285 3.35 -22.51 -12.20
CA GLY B 285 2.76 -21.18 -12.32
C GLY B 285 1.38 -21.09 -12.92
N GLU B 286 1.05 -22.07 -13.75
CA GLU B 286 -0.30 -22.17 -14.31
CA GLU B 286 -0.26 -22.14 -14.39
C GLU B 286 -0.64 -23.60 -14.58
N LYS B 287 -1.93 -23.88 -14.74
CA LYS B 287 -2.35 -25.27 -14.79
C LYS B 287 -1.90 -25.90 -16.11
N LEU B 288 -1.31 -27.07 -15.99
CA LEU B 288 -0.81 -27.83 -17.12
C LEU B 288 -1.89 -28.77 -17.67
N THR B 289 -2.37 -28.53 -18.88
CA THR B 289 -3.29 -29.47 -19.55
C THR B 289 -2.50 -30.39 -20.52
N PRO B 290 -2.89 -31.67 -20.59
CA PRO B 290 -2.18 -32.68 -21.40
C PRO B 290 -1.94 -32.30 -22.86
N ALA B 291 -2.91 -31.66 -23.50
CA ALA B 291 -2.79 -31.31 -24.91
C ALA B 291 -1.50 -30.56 -25.23
N VAL B 292 -1.13 -29.57 -24.41
CA VAL B 292 0.03 -28.73 -24.70
C VAL B 292 1.36 -29.49 -24.68
N VAL B 293 1.36 -30.68 -24.09
CA VAL B 293 2.59 -31.46 -23.94
C VAL B 293 2.81 -32.55 -25.02
N ARG B 294 1.70 -33.12 -25.50
CA ARG B 294 1.71 -34.18 -26.52
C ARG B 294 2.61 -33.92 -27.74
N PRO B 295 2.56 -32.72 -28.32
CA PRO B 295 3.52 -32.44 -29.40
C PRO B 295 4.99 -32.64 -28.99
N TRP B 296 5.33 -32.34 -27.74
CA TRP B 296 6.68 -32.62 -27.26
C TRP B 296 6.94 -34.12 -27.05
N ALA B 297 6.00 -34.80 -26.40
CA ALA B 297 6.15 -36.22 -26.10
C ALA B 297 6.21 -37.08 -27.35
N LYS B 298 5.54 -36.62 -28.41
CA LYS B 298 5.56 -37.32 -29.68
C LYS B 298 6.95 -37.41 -30.22
N ARG B 299 7.68 -36.32 -30.11
CA ARG B 299 9.01 -36.25 -30.68
C ARG B 299 10.09 -36.77 -29.73
N PHE B 300 9.89 -36.57 -28.44
CA PHE B 300 10.93 -36.89 -27.47
C PHE B 300 10.60 -38.06 -26.50
N GLY B 301 9.32 -38.33 -26.28
CA GLY B 301 8.97 -39.28 -25.23
C GLY B 301 9.18 -38.64 -23.86
N LEU B 302 9.10 -39.44 -22.80
CA LEU B 302 8.99 -38.89 -21.46
C LEU B 302 10.17 -39.21 -20.55
N ASP B 303 11.21 -39.85 -21.09
CA ASP B 303 12.37 -40.23 -20.28
C ASP B 303 13.54 -39.27 -20.37
N ARG B 304 13.62 -38.54 -21.47
CA ARG B 304 14.78 -37.69 -21.69
C ARG B 304 14.37 -36.50 -22.57
N PRO B 305 14.01 -35.37 -21.95
CA PRO B 305 14.05 -35.12 -20.52
C PRO B 305 12.82 -35.66 -19.82
N HIS B 306 12.88 -35.73 -18.50
CA HIS B 306 11.65 -35.85 -17.73
C HIS B 306 10.82 -34.57 -17.92
N LEU B 307 9.51 -34.71 -17.90
CA LEU B 307 8.64 -33.54 -17.84
C LEU B 307 8.00 -33.61 -16.49
N ILE B 308 8.02 -32.51 -15.75
CA ILE B 308 7.52 -32.54 -14.38
CA ILE B 308 7.54 -32.53 -14.37
C ILE B 308 6.63 -31.33 -14.07
N ASN B 309 5.41 -31.62 -13.65
CA ASN B 309 4.50 -30.55 -13.30
C ASN B 309 4.64 -30.20 -11.82
N MET B 310 4.80 -28.93 -11.53
CA MET B 310 4.93 -28.52 -10.14
C MET B 310 3.89 -27.47 -9.81
N TYR B 311 2.94 -27.83 -8.97
CA TYR B 311 2.06 -26.83 -8.47
C TYR B 311 2.78 -26.07 -7.36
N GLY B 312 2.62 -24.75 -7.35
CA GLY B 312 3.33 -23.94 -6.40
C GLY B 312 2.71 -22.59 -6.12
N ILE B 313 2.91 -22.08 -4.92
CA ILE B 313 2.38 -20.76 -4.57
C ILE B 313 3.50 -19.91 -3.99
N THR B 314 3.50 -18.61 -4.25
CA THR B 314 4.51 -17.74 -3.67
C THR B 314 4.51 -17.84 -2.14
N GLU B 315 3.33 -17.95 -1.52
CA GLU B 315 3.24 -18.01 -0.07
C GLU B 315 3.77 -19.30 0.53
N THR B 316 4.09 -20.29 -0.29
CA THR B 316 4.63 -21.55 0.24
C THR B 316 5.96 -21.90 -0.43
N THR B 317 6.68 -20.84 -0.82
CA THR B 317 8.05 -20.92 -1.30
C THR B 317 8.17 -21.70 -2.59
N VAL B 318 7.71 -21.09 -3.69
CA VAL B 318 8.06 -21.51 -5.06
C VAL B 318 7.32 -22.79 -5.55
N HIS B 319 7.67 -23.95 -5.00
CA HIS B 319 6.93 -25.18 -5.32
C HIS B 319 6.26 -25.84 -4.14
N ALA B 320 5.17 -26.54 -4.40
CA ALA B 320 4.48 -27.28 -3.36
C ALA B 320 4.25 -28.73 -3.75
N THR B 321 4.05 -29.00 -5.04
CA THR B 321 3.85 -30.39 -5.47
C THR B 321 4.88 -30.81 -6.50
N PHE B 322 4.97 -32.13 -6.71
CA PHE B 322 5.78 -32.74 -7.76
C PHE B 322 5.00 -33.90 -8.43
N HIS B 323 4.79 -33.80 -9.74
CA HIS B 323 4.30 -34.94 -10.53
C HIS B 323 5.07 -35.12 -11.83
N ARG B 324 5.69 -36.29 -12.00
CA ARG B 324 6.35 -36.64 -13.27
C ARG B 324 5.34 -37.15 -14.32
N LEU B 325 5.24 -36.43 -15.44
CA LEU B 325 4.28 -36.77 -16.49
C LEU B 325 4.50 -38.17 -17.15
N THR B 326 3.41 -38.93 -17.27
CA THR B 326 3.41 -40.27 -17.87
C THR B 326 2.49 -40.40 -19.07
N GLU B 327 2.70 -41.45 -19.85
CA GLU B 327 1.82 -41.87 -20.95
C GLU B 327 0.34 -41.74 -20.62
N ASP B 328 -0.05 -42.23 -19.44
CA ASP B 328 -1.46 -42.20 -19.06
C ASP B 328 -1.94 -40.78 -18.72
N ASP B 329 -1.02 -39.93 -18.25
CA ASP B 329 -1.33 -38.51 -18.07
C ASP B 329 -1.66 -37.88 -19.43
N LEU B 330 -0.87 -38.17 -20.45
CA LEU B 330 -0.99 -37.52 -21.75
C LEU B 330 -2.09 -38.08 -22.65
N ALA B 331 -2.53 -39.28 -22.34
CA ALA B 331 -3.66 -39.86 -23.03
C ALA B 331 -4.92 -39.17 -22.56
N ALA B 332 -4.96 -38.87 -21.26
CA ALA B 332 -6.14 -38.32 -20.61
C ALA B 332 -6.22 -36.80 -20.66
N GLU B 333 -7.07 -36.23 -19.83
CA GLU B 333 -7.35 -34.79 -19.90
C GLU B 333 -7.25 -34.09 -18.53
N ASP B 334 -6.99 -34.87 -17.50
CA ASP B 334 -6.78 -34.32 -16.18
C ASP B 334 -5.44 -33.60 -16.04
N SER B 335 -5.41 -32.58 -15.18
CA SER B 335 -4.17 -31.91 -14.78
C SER B 335 -3.67 -32.48 -13.45
N VAL B 336 -2.74 -33.43 -13.52
CA VAL B 336 -2.18 -34.07 -12.32
C VAL B 336 -1.02 -33.27 -11.75
N ILE B 337 -1.10 -32.91 -10.48
CA ILE B 337 -0.02 -32.17 -9.85
C ILE B 337 0.72 -33.03 -8.83
N GLY B 338 0.21 -34.24 -8.61
CA GLY B 338 0.87 -35.25 -7.80
C GLY B 338 0.77 -35.04 -6.29
N ARG B 339 1.83 -35.41 -5.57
CA ARG B 339 1.86 -35.25 -4.13
C ARG B 339 2.64 -34.03 -3.69
N PRO B 340 2.20 -33.40 -2.58
CA PRO B 340 2.95 -32.34 -1.92
C PRO B 340 4.41 -32.75 -1.71
N LEU B 341 5.36 -31.82 -1.77
CA LEU B 341 6.77 -32.16 -1.50
C LEU B 341 6.89 -32.72 -0.11
N PRO B 342 7.91 -33.56 0.13
CA PRO B 342 8.19 -34.16 1.43
C PRO B 342 7.83 -33.38 2.69
N GLY B 343 8.30 -32.16 2.91
CA GLY B 343 7.98 -31.52 4.18
C GLY B 343 6.51 -31.14 4.47
N PHE B 344 5.67 -31.23 3.43
CA PHE B 344 4.30 -30.74 3.52
C PHE B 344 3.31 -31.70 4.16
N THR B 345 2.40 -31.16 4.96
CA THR B 345 1.14 -31.83 5.25
C THR B 345 0.03 -31.00 4.63
N HIS B 346 -1.03 -31.67 4.18
CA HIS B 346 -2.12 -31.01 3.45
C HIS B 346 -3.53 -31.44 3.85
N ARG B 347 -4.50 -30.60 3.46
CA ARG B 347 -5.91 -30.86 3.67
C ARG B 347 -6.63 -30.47 2.39
N ILE B 348 -7.66 -31.22 2.02
CA ILE B 348 -8.58 -30.80 0.96
C ILE B 348 -9.91 -30.47 1.63
N VAL B 349 -10.26 -29.19 1.62
CA VAL B 349 -11.33 -28.66 2.45
C VAL B 349 -12.57 -28.29 1.62
N THR B 350 -13.71 -28.92 1.93
CA THR B 350 -14.96 -28.63 1.22
C THR B 350 -15.60 -27.32 1.69
N GLU B 351 -16.56 -26.85 0.91
CA GLU B 351 -17.13 -25.51 1.09
C GLU B 351 -17.86 -25.33 2.42
N ASP B 352 -18.26 -26.45 3.02
CA ASP B 352 -18.92 -26.43 4.34
C ASP B 352 -17.99 -26.91 5.45
N GLY B 353 -16.72 -27.10 5.12
CA GLY B 353 -15.69 -27.28 6.13
C GLY B 353 -15.05 -28.66 6.16
N ARG B 354 -15.62 -29.60 5.43
CA ARG B 354 -15.20 -30.99 5.57
C ARG B 354 -13.87 -31.29 4.89
N ASP B 355 -13.18 -32.29 5.45
CA ASP B 355 -12.09 -32.98 4.78
C ASP B 355 -12.70 -33.77 3.63
N ALA B 356 -12.38 -33.39 2.39
CA ALA B 356 -13.07 -33.98 1.24
C ALA B 356 -12.83 -35.47 1.12
N ALA B 357 -13.83 -36.20 0.61
CA ALA B 357 -13.64 -37.61 0.25
C ALA B 357 -13.01 -37.68 -1.13
N THR B 358 -12.37 -38.81 -1.43
CA THR B 358 -11.68 -39.03 -2.69
C THR B 358 -12.57 -38.66 -3.87
N GLY B 359 -12.05 -37.88 -4.82
CA GLY B 359 -12.78 -37.48 -6.01
C GLY B 359 -13.52 -36.17 -5.84
N GLU B 360 -13.75 -35.76 -4.59
CA GLU B 360 -14.51 -34.55 -4.32
C GLU B 360 -13.60 -33.32 -4.35
N PRO B 361 -14.04 -32.27 -5.05
CA PRO B 361 -13.23 -31.04 -5.14
C PRO B 361 -13.28 -30.23 -3.84
N GLY B 362 -12.14 -29.67 -3.45
CA GLY B 362 -12.05 -28.88 -2.24
C GLY B 362 -10.82 -27.99 -2.34
N GLU B 363 -10.79 -26.97 -1.49
CA GLU B 363 -9.64 -26.08 -1.41
C GLU B 363 -8.40 -26.82 -0.89
N LEU B 364 -7.25 -26.57 -1.49
CA LEU B 364 -6.05 -27.17 -0.96
C LEU B 364 -5.49 -26.25 0.11
N TRP B 365 -5.21 -26.84 1.26
CA TRP B 365 -4.55 -26.19 2.38
C TRP B 365 -3.18 -26.84 2.53
N LEU B 366 -2.13 -26.04 2.68
CA LEU B 366 -0.78 -26.60 2.85
C LEU B 366 -0.14 -26.20 4.19
N ALA B 367 0.70 -27.08 4.76
CA ALA B 367 1.41 -26.76 5.99
C ALA B 367 2.82 -27.33 5.97
N GLY B 368 3.74 -26.65 6.68
CA GLY B 368 5.09 -27.14 6.82
C GLY B 368 6.15 -26.05 6.69
N PRO B 369 7.43 -26.45 6.75
CA PRO B 369 8.58 -25.54 6.83
C PRO B 369 8.70 -24.61 5.64
N GLN B 370 8.10 -24.95 4.50
CA GLN B 370 8.08 -24.05 3.37
C GLN B 370 7.01 -22.96 3.46
N VAL B 371 6.01 -23.14 4.31
CA VAL B 371 4.97 -22.14 4.41
C VAL B 371 5.47 -20.82 5.04
N SER B 372 5.30 -19.75 4.28
CA SER B 372 5.58 -18.36 4.70
C SER B 372 5.01 -17.96 6.06
N GLU B 373 5.63 -16.98 6.71
CA GLU B 373 5.08 -16.41 7.95
C GLU B 373 3.88 -15.45 7.74
N GLY B 374 3.39 -15.34 6.51
CA GLY B 374 2.25 -14.47 6.22
C GLY B 374 2.65 -13.30 5.32
N TYR B 375 1.74 -12.36 5.10
CA TYR B 375 2.03 -11.23 4.22
C TYR B 375 2.67 -10.03 4.93
N LEU B 376 3.33 -9.17 4.15
CA LEU B 376 3.91 -7.92 4.64
C LEU B 376 2.83 -6.85 4.74
N ASN B 377 2.57 -6.33 5.95
CA ASN B 377 1.52 -5.31 6.18
C ASN B 377 0.14 -5.62 5.55
N ARG B 378 -0.37 -6.82 5.78
CA ARG B 378 -1.77 -7.10 5.44
C ARG B 378 -2.33 -8.12 6.44
N PRO B 379 -2.28 -7.76 7.74
CA PRO B 379 -2.40 -8.66 8.90
C PRO B 379 -3.77 -9.30 9.05
N GLU B 380 -4.81 -8.62 8.59
CA GLU B 380 -6.15 -9.19 8.54
C GLU B 380 -6.20 -10.34 7.56
N LEU B 381 -5.70 -10.10 6.35
CA LEU B 381 -5.63 -11.11 5.32
C LEU B 381 -4.71 -12.27 5.76
N THR B 382 -3.52 -11.95 6.26
CA THR B 382 -2.62 -12.95 6.84
C THR B 382 -3.38 -13.86 7.79
N ALA B 383 -4.14 -13.24 8.70
CA ALA B 383 -4.96 -13.97 9.66
C ALA B 383 -6.02 -14.86 9.00
N GLU B 384 -6.55 -14.44 7.86
CA GLU B 384 -7.56 -15.22 7.15
C GLU B 384 -6.99 -16.36 6.29
N ARG B 385 -5.82 -16.17 5.68
CA ARG B 385 -5.27 -17.23 4.82
C ARG B 385 -4.25 -18.14 5.48
N PHE B 386 -3.77 -17.75 6.65
CA PHE B 386 -2.91 -18.64 7.43
C PHE B 386 -3.61 -18.90 8.76
N THR B 387 -4.14 -20.10 8.94
CA THR B 387 -4.94 -20.40 10.13
C THR B 387 -4.36 -21.55 10.93
N THR B 388 -4.46 -21.47 12.25
CA THR B 388 -4.07 -22.58 13.10
C THR B 388 -5.23 -22.87 14.04
N GLY B 389 -5.75 -24.09 13.94
CA GLY B 389 -6.88 -24.53 14.74
C GLY B 389 -6.43 -25.46 15.86
N PRO B 398 -0.28 -29.65 15.77
CA PRO B 398 -1.04 -28.41 15.65
C PRO B 398 -0.65 -27.59 14.41
N PRO B 399 -0.95 -28.11 13.21
CA PRO B 399 -0.40 -27.56 11.97
C PRO B 399 -0.91 -26.16 11.60
N ARG B 400 -0.02 -25.32 11.06
CA ARG B 400 -0.42 -24.01 10.56
C ARG B 400 -0.60 -24.06 9.06
N TYR B 401 -1.84 -23.95 8.60
CA TYR B 401 -2.18 -24.09 7.18
C TYR B 401 -2.27 -22.78 6.38
N TYR B 402 -1.70 -22.75 5.17
CA TYR B 402 -2.02 -21.68 4.21
C TYR B 402 -3.19 -22.10 3.32
N HIS B 403 -4.15 -21.20 3.12
CA HIS B 403 -5.30 -21.51 2.24
C HIS B 403 -5.04 -21.09 0.77
N SER B 404 -4.82 -22.07 -0.09
CA SER B 404 -4.40 -21.82 -1.48
C SER B 404 -5.46 -21.13 -2.32
N GLY B 405 -6.74 -21.34 -1.97
CA GLY B 405 -7.84 -20.83 -2.77
C GLY B 405 -7.90 -21.55 -4.09
N ASP B 406 -7.17 -22.67 -4.19
CA ASP B 406 -7.21 -23.54 -5.36
C ASP B 406 -8.05 -24.77 -5.08
N LEU B 407 -8.98 -25.10 -5.96
CA LEU B 407 -9.74 -26.32 -5.79
C LEU B 407 -9.02 -27.53 -6.42
N VAL B 408 -8.87 -28.58 -5.61
CA VAL B 408 -8.31 -29.85 -6.07
C VAL B 408 -9.10 -31.05 -5.56
N SER B 409 -8.94 -32.19 -6.21
CA SER B 409 -9.48 -33.44 -5.69
C SER B 409 -8.37 -34.48 -5.61
N ARG B 410 -8.54 -35.49 -4.75
CA ARG B 410 -7.59 -36.61 -4.70
C ARG B 410 -8.10 -37.82 -5.49
N ARG B 411 -7.24 -38.35 -6.36
CA ARG B 411 -7.57 -39.58 -7.09
C ARG B 411 -7.10 -40.82 -6.34
N ALA B 412 -7.41 -41.98 -6.89
CA ALA B 412 -6.96 -43.26 -6.35
C ALA B 412 -5.46 -43.39 -6.57
N GLY B 413 -4.75 -43.70 -5.48
CA GLY B 413 -3.30 -43.70 -5.50
C GLY B 413 -2.82 -42.52 -4.69
N GLY B 414 -3.67 -41.50 -4.60
CA GLY B 414 -3.39 -40.37 -3.72
C GLY B 414 -2.90 -39.09 -4.37
N ASP B 415 -2.54 -39.14 -5.65
CA ASP B 415 -2.15 -37.94 -6.41
C ASP B 415 -3.27 -36.90 -6.44
N LEU B 416 -2.91 -35.64 -6.67
CA LEU B 416 -3.90 -34.59 -6.75
C LEU B 416 -4.15 -34.16 -8.17
N VAL B 417 -5.37 -33.71 -8.42
CA VAL B 417 -5.77 -33.27 -9.73
C VAL B 417 -6.22 -31.81 -9.57
N TYR B 418 -5.86 -30.97 -10.53
CA TYR B 418 -6.16 -29.55 -10.42
C TYR B 418 -7.40 -29.16 -11.21
N GLN B 419 -8.33 -28.51 -10.53
CA GLN B 419 -9.52 -27.96 -11.15
C GLN B 419 -9.30 -26.50 -11.51
N GLY B 420 -9.34 -25.64 -10.50
CA GLY B 420 -9.14 -24.22 -10.69
C GLY B 420 -9.33 -23.38 -9.43
N ARG B 421 -9.15 -22.07 -9.59
CA ARG B 421 -9.42 -21.12 -8.53
C ARG B 421 -10.86 -21.19 -8.11
N ALA B 422 -11.10 -21.27 -6.81
CA ALA B 422 -12.44 -21.20 -6.27
C ALA B 422 -13.04 -19.86 -6.67
N ASP B 423 -12.18 -18.84 -6.73
CA ASP B 423 -12.58 -17.48 -7.02
C ASP B 423 -13.15 -17.28 -8.42
N LEU B 424 -12.50 -17.85 -9.42
CA LEU B 424 -12.91 -17.65 -10.81
C LEU B 424 -13.65 -18.87 -11.35
N GLN B 425 -14.62 -19.30 -10.57
CA GLN B 425 -15.54 -20.35 -10.97
C GLN B 425 -16.91 -19.69 -10.98
N VAL B 426 -17.58 -19.71 -12.12
CA VAL B 426 -18.77 -18.89 -12.23
C VAL B 426 -20.02 -19.70 -12.55
N LYS B 427 -21.15 -19.25 -12.01
CA LYS B 427 -22.43 -19.76 -12.45
C LYS B 427 -23.04 -18.70 -13.35
N LEU B 428 -23.36 -18.93 -14.60
N LEU B 428 -23.37 -18.96 -14.60
CA LEU B 428 -24.29 -18.10 -15.26
CA LEU B 428 -24.10 -18.06 -15.42
C LEU B 428 -25.18 -18.89 -16.19
C LEU B 428 -25.22 -18.80 -16.07
N ARG B 429 -26.41 -18.45 -16.34
N ARG B 429 -26.42 -18.26 -16.02
CA ARG B 429 -27.30 -19.08 -17.30
CA ARG B 429 -27.50 -18.79 -16.84
C ARG B 429 -27.52 -20.54 -16.91
C ARG B 429 -27.68 -20.29 -16.63
N GLY B 430 -27.49 -20.82 -15.63
N GLY B 430 -27.64 -20.71 -15.39
CA GLY B 430 -27.74 -22.16 -15.17
CA GLY B 430 -27.97 -22.06 -15.04
C GLY B 430 -26.60 -23.16 -15.21
C GLY B 430 -26.81 -23.00 -15.22
N HIS B 431 -25.43 -22.77 -15.67
N HIS B 431 -25.75 -22.48 -15.80
CA HIS B 431 -24.31 -23.71 -15.74
CA HIS B 431 -24.61 -23.31 -16.09
C HIS B 431 -23.18 -23.32 -14.87
C HIS B 431 -23.52 -22.96 -15.18
N ARG B 432 -22.41 -24.25 -14.36
N ARG B 432 -22.65 -23.89 -14.98
CA ARG B 432 -21.18 -23.82 -13.70
CA ARG B 432 -21.51 -23.55 -14.10
C ARG B 432 -20.09 -23.72 -14.76
C ARG B 432 -20.20 -23.64 -14.88
N ILE B 433 -19.39 -22.58 -14.82
CA ILE B 433 -18.26 -22.48 -15.76
C ILE B 433 -16.88 -22.40 -15.12
N GLU B 434 -16.04 -23.35 -15.50
CA GLU B 434 -14.63 -23.29 -15.13
C GLU B 434 -13.94 -22.46 -16.20
N LEU B 435 -13.55 -21.25 -15.83
CA LEU B 435 -12.97 -20.28 -16.75
C LEU B 435 -11.64 -20.73 -17.32
N SER B 436 -10.93 -21.59 -16.59
CA SER B 436 -9.63 -22.06 -17.03
C SER B 436 -9.77 -22.98 -18.24
N ASP B 437 -10.93 -23.62 -18.37
CA ASP B 437 -11.15 -24.56 -19.46
C ASP B 437 -11.48 -23.87 -20.79
N VAL B 438 -12.27 -22.79 -20.72
CA VAL B 438 -12.51 -21.95 -21.90
C VAL B 438 -11.16 -21.50 -22.43
N GLU B 439 -10.35 -20.92 -21.55
CA GLU B 439 -9.00 -20.48 -21.87
C GLU B 439 -8.13 -21.59 -22.46
N ALA B 440 -8.19 -22.79 -21.90
CA ALA B 440 -7.38 -23.89 -22.41
C ALA B 440 -7.79 -24.28 -23.84
N ALA B 441 -9.09 -24.22 -24.12
CA ALA B 441 -9.57 -24.50 -25.46
C ALA B 441 -9.19 -23.37 -26.46
N VAL B 442 -9.21 -22.11 -26.01
CA VAL B 442 -8.75 -21.02 -26.85
C VAL B 442 -7.28 -21.20 -27.22
N ARG B 443 -6.44 -21.62 -26.27
CA ARG B 443 -5.01 -21.77 -26.53
C ARG B 443 -4.67 -22.96 -27.43
N THR B 444 -5.60 -23.86 -27.59
CA THR B 444 -5.45 -25.01 -28.45
C THR B 444 -5.28 -24.62 -29.89
N HIS B 445 -5.74 -23.43 -30.21
CA HIS B 445 -5.57 -22.91 -31.52
C HIS B 445 -4.16 -22.49 -31.75
N PRO B 446 -3.58 -23.13 -32.86
CA PRO B 446 -2.13 -22.95 -32.92
C PRO B 446 -1.57 -21.54 -33.17
N ALA B 447 -2.39 -20.55 -33.47
CA ALA B 447 -1.91 -19.20 -33.56
C ALA B 447 -2.06 -18.41 -32.26
N VAL B 448 -2.77 -18.98 -31.31
CA VAL B 448 -2.90 -18.37 -30.01
C VAL B 448 -1.76 -18.74 -29.06
N VAL B 449 -1.16 -17.72 -28.46
CA VAL B 449 -0.19 -17.98 -27.41
C VAL B 449 -0.95 -18.07 -26.10
N ASP B 450 -1.56 -16.96 -25.69
CA ASP B 450 -2.25 -16.90 -24.40
C ASP B 450 -3.63 -16.30 -24.55
N ALA B 451 -4.46 -16.56 -23.54
CA ALA B 451 -5.85 -16.14 -23.57
C ALA B 451 -6.30 -15.87 -22.14
N VAL B 452 -7.19 -14.89 -21.97
CA VAL B 452 -7.87 -14.70 -20.69
C VAL B 452 -9.37 -14.60 -20.94
N VAL B 453 -10.14 -15.45 -20.26
CA VAL B 453 -11.58 -15.47 -20.44
C VAL B 453 -12.19 -14.95 -19.15
N TRP B 454 -13.20 -14.08 -19.25
CA TRP B 454 -13.84 -13.59 -18.03
C TRP B 454 -15.30 -13.24 -18.23
N VAL B 455 -16.02 -13.09 -17.12
CA VAL B 455 -17.43 -12.66 -17.14
C VAL B 455 -17.50 -11.14 -17.20
N HIS B 456 -17.92 -10.58 -18.32
CA HIS B 456 -18.02 -9.14 -18.44
C HIS B 456 -19.45 -8.66 -18.33
N GLU B 457 -19.63 -7.61 -17.53
CA GLU B 457 -20.93 -6.98 -17.33
CA GLU B 457 -20.95 -7.01 -17.35
C GLU B 457 -21.18 -5.90 -18.38
N PHE B 458 -21.95 -6.24 -19.41
CA PHE B 458 -22.26 -5.32 -20.49
C PHE B 458 -23.28 -4.26 -20.07
N ALA B 459 -24.23 -4.70 -19.25
CA ALA B 459 -25.39 -3.94 -18.81
C ALA B 459 -25.89 -4.51 -17.47
N PRO B 460 -26.93 -3.88 -16.87
CA PRO B 460 -27.53 -4.49 -15.67
C PRO B 460 -28.04 -5.91 -15.88
N GLY B 461 -27.67 -6.83 -15.00
CA GLY B 461 -28.05 -8.23 -15.13
C GLY B 461 -27.76 -8.80 -16.51
N ASP B 462 -26.75 -8.25 -17.16
CA ASP B 462 -26.38 -8.60 -18.52
C ASP B 462 -24.90 -8.94 -18.57
N SER B 463 -24.58 -10.19 -18.32
CA SER B 463 -23.19 -10.59 -18.19
C SER B 463 -22.92 -11.67 -19.20
N ARG B 464 -21.72 -11.65 -19.74
CA ARG B 464 -21.35 -12.51 -20.84
C ARG B 464 -19.88 -12.88 -20.75
N LEU B 465 -19.54 -14.04 -21.29
CA LEU B 465 -18.15 -14.47 -21.33
C LEU B 465 -17.42 -13.75 -22.47
N VAL B 466 -16.27 -13.15 -22.15
CA VAL B 466 -15.46 -12.43 -23.14
C VAL B 466 -14.05 -12.99 -23.06
N CYS B 467 -13.34 -13.03 -24.19
CA CYS B 467 -11.97 -13.52 -24.22
C CYS B 467 -11.00 -12.56 -24.89
N ALA B 468 -9.91 -12.26 -24.18
CA ALA B 468 -8.78 -11.57 -24.78
C ALA B 468 -7.66 -12.58 -25.02
N TYR B 469 -6.93 -12.41 -26.11
CA TYR B 469 -5.94 -13.39 -26.50
C TYR B 469 -4.80 -12.75 -27.27
N THR B 470 -3.70 -13.49 -27.35
CA THR B 470 -2.46 -13.02 -27.99
C THR B 470 -2.08 -13.95 -29.15
N ALA B 471 -1.33 -13.43 -30.12
CA ALA B 471 -1.02 -14.23 -31.31
C ALA B 471 0.44 -14.68 -31.31
N GLN B 472 0.70 -15.79 -32.00
CA GLN B 472 2.06 -16.29 -32.24
C GLN B 472 3.04 -15.16 -32.59
N ALA B 473 4.25 -15.22 -32.06
CA ALA B 473 5.24 -14.18 -32.33
C ALA B 473 5.64 -14.17 -33.80
N ASP B 481 -6.93 -14.78 -36.81
CA ASP B 481 -8.16 -13.99 -36.77
C ASP B 481 -9.19 -14.51 -35.74
N ALA B 482 -10.03 -13.60 -35.27
CA ALA B 482 -11.07 -13.96 -34.32
C ALA B 482 -12.04 -14.96 -34.95
N ARG B 483 -12.25 -14.83 -36.24
CA ARG B 483 -13.21 -15.69 -36.94
C ARG B 483 -12.87 -17.19 -36.95
N ALA B 484 -11.68 -17.56 -37.44
CA ALA B 484 -11.24 -18.95 -37.39
C ALA B 484 -11.04 -19.43 -35.94
N LEU B 485 -10.62 -18.53 -35.05
CA LEU B 485 -10.54 -18.85 -33.64
C LEU B 485 -11.94 -19.16 -33.07
N ARG B 486 -12.93 -18.34 -33.44
CA ARG B 486 -14.32 -18.63 -33.05
C ARG B 486 -14.79 -19.96 -33.56
N ALA B 487 -14.51 -20.20 -34.84
CA ALA B 487 -14.85 -21.45 -35.50
C ALA B 487 -14.26 -22.63 -34.74
N HIS B 488 -12.97 -22.56 -34.45
CA HIS B 488 -12.29 -23.62 -33.68
C HIS B 488 -12.85 -23.84 -32.29
N VAL B 489 -13.19 -22.77 -31.59
CA VAL B 489 -13.66 -22.91 -30.22
C VAL B 489 -15.10 -23.44 -30.18
N LYS B 490 -15.90 -23.09 -31.17
CA LYS B 490 -17.24 -23.66 -31.30
C LYS B 490 -17.12 -25.19 -31.34
N THR B 491 -16.09 -25.68 -32.05
CA THR B 491 -15.74 -27.10 -32.15
C THR B 491 -15.39 -27.83 -30.85
N VAL B 492 -14.61 -27.20 -29.97
CA VAL B 492 -14.07 -27.91 -28.81
C VAL B 492 -14.93 -27.74 -27.54
N LEU B 493 -15.62 -26.62 -27.40
CA LEU B 493 -16.44 -26.34 -26.21
C LEU B 493 -17.93 -26.45 -26.50
N PRO B 494 -18.75 -26.84 -25.50
CA PRO B 494 -20.19 -26.81 -25.75
C PRO B 494 -20.71 -25.37 -25.78
N SER B 495 -21.91 -25.18 -26.30
CA SER B 495 -22.51 -23.86 -26.51
C SER B 495 -22.42 -22.87 -25.33
N TYR B 496 -22.50 -23.37 -24.09
CA TYR B 496 -22.53 -22.48 -22.93
C TYR B 496 -21.17 -21.97 -22.45
N MET B 497 -20.09 -22.55 -22.98
CA MET B 497 -18.74 -22.11 -22.58
C MET B 497 -18.03 -21.26 -23.63
N GLN B 498 -18.66 -21.08 -24.78
CA GLN B 498 -18.10 -20.25 -25.84
C GLN B 498 -18.15 -18.77 -25.51
N PRO B 499 -17.04 -18.08 -25.74
CA PRO B 499 -16.92 -16.64 -25.56
C PRO B 499 -17.86 -15.88 -26.49
N SER B 500 -18.57 -14.88 -25.97
CA SER B 500 -19.47 -14.08 -26.80
C SER B 500 -18.74 -12.99 -27.60
N GLN B 501 -17.47 -12.76 -27.26
CA GLN B 501 -16.64 -11.78 -27.97
C GLN B 501 -15.15 -12.02 -27.75
N TYR B 502 -14.38 -11.82 -28.82
CA TYR B 502 -12.94 -11.98 -28.77
C TYR B 502 -12.20 -10.68 -29.01
N LEU B 503 -11.33 -10.32 -28.07
CA LEU B 503 -10.49 -9.14 -28.22
C LEU B 503 -9.04 -9.54 -28.40
N ALA B 504 -8.47 -9.15 -29.54
CA ALA B 504 -7.08 -9.49 -29.86
C ALA B 504 -6.13 -8.42 -29.34
N LEU B 505 -5.05 -8.82 -28.69
CA LEU B 505 -4.10 -7.86 -28.13
C LEU B 505 -2.69 -8.29 -28.41
N PRO B 506 -1.80 -7.30 -28.62
CA PRO B 506 -0.39 -7.65 -28.81
C PRO B 506 0.15 -8.32 -27.56
N GLU B 507 -0.29 -7.88 -26.39
CA GLU B 507 0.05 -8.57 -25.14
C GLU B 507 -1.06 -8.43 -24.11
N LEU B 508 -1.07 -9.31 -23.11
CA LEU B 508 -2.06 -9.23 -22.05
C LEU B 508 -1.54 -8.32 -20.95
N PRO B 509 -2.40 -7.55 -20.34
CA PRO B 509 -1.96 -6.78 -19.19
C PRO B 509 -1.57 -7.78 -18.11
N ARG B 510 -0.55 -7.48 -17.34
CA ARG B 510 -0.08 -8.42 -16.35
C ARG B 510 0.12 -7.88 -15.00
N THR B 511 -0.13 -8.77 -14.07
CA THR B 511 -0.09 -8.66 -12.65
C THR B 511 1.35 -8.52 -12.19
N ILE B 512 1.61 -8.15 -10.95
CA ILE B 512 2.99 -8.15 -10.45
C ILE B 512 3.64 -9.51 -10.53
N ASN B 513 2.93 -10.56 -10.23
CA ASN B 513 3.50 -11.90 -10.39
C ASN B 513 3.21 -12.46 -11.78
N GLY B 514 2.97 -11.57 -12.73
CA GLY B 514 2.92 -11.96 -14.14
C GLY B 514 1.71 -12.73 -14.64
N LYS B 515 0.72 -12.94 -13.78
CA LYS B 515 -0.53 -13.50 -14.25
C LYS B 515 -1.23 -12.44 -15.08
N ALA B 516 -2.16 -12.88 -15.91
CA ALA B 516 -2.97 -11.95 -16.67
C ALA B 516 -3.82 -11.10 -15.72
N ASP B 517 -3.87 -9.80 -15.98
CA ASP B 517 -4.58 -8.88 -15.08
C ASP B 517 -6.04 -8.66 -15.58
N ARG B 518 -6.95 -9.39 -14.93
CA ARG B 518 -8.33 -9.45 -15.36
C ARG B 518 -9.05 -8.12 -15.33
N ALA B 519 -8.96 -7.40 -14.22
CA ALA B 519 -9.57 -6.09 -14.09
C ALA B 519 -9.10 -5.16 -15.20
N SER B 520 -7.84 -5.30 -15.59
CA SER B 520 -7.25 -4.43 -16.60
C SER B 520 -7.78 -4.76 -18.00
N VAL B 521 -7.70 -6.02 -18.38
CA VAL B 521 -8.15 -6.39 -19.71
C VAL B 521 -9.67 -6.13 -19.83
N ALA B 522 -10.36 -6.13 -18.70
CA ALA B 522 -11.79 -5.83 -18.70
C ALA B 522 -12.02 -4.36 -19.08
N ARG B 523 -11.16 -3.49 -18.58
CA ARG B 523 -11.32 -2.06 -18.81
C ARG B 523 -10.90 -1.69 -20.23
N ALA B 524 -9.84 -2.33 -20.72
CA ALA B 524 -9.41 -2.18 -22.11
C ALA B 524 -10.47 -2.63 -23.11
N PHE B 525 -11.14 -3.74 -22.79
CA PHE B 525 -12.24 -4.22 -23.58
C PHE B 525 -13.36 -3.17 -23.61
N ASP B 526 -13.69 -2.58 -22.46
CA ASP B 526 -14.73 -1.53 -22.41
C ASP B 526 -14.35 -0.27 -23.22
N GLU B 527 -13.07 0.11 -23.24
CA GLU B 527 -12.65 1.28 -24.02
C GLU B 527 -12.71 0.98 -25.51
N ARG B 528 -12.45 -0.26 -25.86
CA ARG B 528 -12.48 -0.68 -27.25
C ARG B 528 -13.86 -0.98 -27.82
N ARG B 529 -14.77 -1.50 -27.01
CA ARG B 529 -16.07 -1.97 -27.47
C ARG B 529 -16.78 -0.98 -28.38
N THR C . -7.20 16.56 13.84
CA THR C . -6.53 17.75 13.29
C THR C . -5.06 17.44 13.26
O THR C . -4.17 18.12 12.71
CB THR C . -6.75 19.02 14.14
OG1 THR C . -6.49 18.74 15.54
CG2 THR C . -8.18 19.53 13.97
OXT THR C . -4.80 16.41 13.88
PG ATP D . 0.69 12.01 12.39
O1G ATP D . 1.40 11.91 13.73
O2G ATP D . 1.40 11.28 11.27
O3G ATP D . -0.77 11.62 12.41
PB ATP D . -0.05 14.84 12.42
O1B ATP D . 0.54 15.06 13.81
O2B ATP D . -0.19 15.98 11.46
O3B ATP D . 0.82 13.57 11.87
PA ATP D . -2.79 14.85 12.80
O1A ATP D . -3.65 13.89 13.58
O2A ATP D . -3.41 15.54 11.58
O3A ATP D . -1.45 14.07 12.40
O5' ATP D . -2.08 15.97 13.74
C5' ATP D . -2.16 16.03 15.15
C4' ATP D . -0.90 16.69 15.73
O4' ATP D . -0.99 18.11 15.71
C3' ATP D . -0.55 16.28 17.16
O3' ATP D . 0.54 15.37 17.07
C2' ATP D . -0.13 17.54 17.86
O2' ATP D . 1.29 17.55 17.95
C1' ATP D . -0.56 18.67 16.95
N9 ATP D . -1.68 19.46 17.54
C8 ATP D . -2.99 19.32 17.22
N7 ATP D . -3.79 20.18 17.90
C5 ATP D . -2.98 20.91 18.68
C6 ATP D . -3.18 22.01 19.65
N6 ATP D . -4.42 22.47 19.91
N1 ATP D . -2.10 22.51 20.27
C2 ATP D . -0.87 22.03 20.02
N3 ATP D . -0.59 21.03 19.13
C4 ATP D . -1.60 20.44 18.44
MG MG E . 1.20 13.48 15.21
O2P 8QN F . 2.42 -16.39 -8.54
P10 8QN F . 1.87 -17.15 -7.36
O1P 8QN F . 1.53 -16.42 -6.08
O3P 8QN F . 2.88 -18.34 -7.04
C 8QN F . 3.36 -19.08 -8.18
CA 8QN F . 4.75 -19.62 -8.22
N 8QN F . 5.09 -20.33 -6.99
CB 8QN F . 4.84 -20.54 -9.45
OG1 8QN F . 4.33 -21.86 -9.17
CG2 8QN F . 6.27 -20.58 -10.02
O 8QN F . 2.61 -19.23 -9.13
O5' 8QN F . 0.58 -17.95 -7.86
C5' 8QN F . 0.03 -19.06 -7.16
C4' 8QN F . -0.98 -19.68 -8.11
C3' 8QN F . -1.87 -20.74 -7.47
O3' 8QN F . -3.04 -20.14 -6.94
C2' 8QN F . -2.21 -21.65 -8.63
O2' 8QN F . -3.48 -21.30 -9.18
C1' 8QN F . -1.17 -21.37 -9.69
O4' 8QN F . -0.32 -20.31 -9.20
N9 8QN F . -0.32 -22.54 -10.03
C4 8QN F . -0.72 -23.68 -10.58
C5 8QN F . 0.50 -24.50 -10.77
N7 8QN F . 1.52 -23.76 -10.31
C8 8QN F . 1.02 -22.59 -9.87
N3 8QN F . -1.91 -24.21 -10.97
C2 8QN F . -1.94 -25.45 -11.49
N1 8QN F . -0.86 -26.26 -11.69
C6 8QN F . 0.37 -25.84 -11.37
N6 8QN F . 1.46 -26.63 -11.56
#